data_4G8L
#
_entry.id   4G8L
#
_cell.length_a   62.980
_cell.length_b   164.110
_cell.length_c   86.220
_cell.angle_alpha   90.00
_cell.angle_beta   100.20
_cell.angle_gamma   90.00
#
_symmetry.space_group_name_H-M   'P 1 21 1'
#
loop_
_entity.id
_entity.type
_entity.pdbx_description
1 polymer '2-5A-dependent ribonuclease'
2 non-polymer "5'-O-MONOPHOSPHORYLADENYLYL(2'->5')ADENYLYL(2'->5')ADENOSINE"
#
_entity_poly.entity_id   1
_entity_poly.type   'polypeptide(L)'
_entity_poly.pdbx_seq_one_letter_code
;MESRDHNNPQEGPTSSSGRRAAVEDNHLLIKAVQNEDVDLVQQLLEGGANVNFQEEEGGWTPLHNAVQMSREDIVELLLR
HGADPVLRKKNGATPFILAAIAGSVKLLKLFLSKGADVNECDFYGFTAFMEAAVYGKVKALKFLYKRGANVNLRRKTKED
QERLRKGGATALMDAAEKGHVEVLKILLDEMGADVNACDNMGRNALIHALLSSDDSDVEAITHLLLDHGADVNVRGERGK
TPLILAVEKKHLGLVQRLLEQEHIEINDTDSDGKTALLLAVELKLKKIAELLCKRGASTDCGDLVMTARRNYDHSLVKVL
LSHGAKEDFHPPAEDWK
;
_entity_poly.pdbx_strand_id   A,B,C,D
#
loop_
_chem_comp.id
_chem_comp.type
_chem_comp.name
_chem_comp.formula
25A non-polymer 5'-O-MONOPHOSPHORYLADENYLYL(2'->5')ADENYLYL(2'->5')ADENOSINE 'C30 H38 N15 O19 P3'
#
# COMPACT_ATOMS: atom_id res chain seq x y z
N SER A 16 25.91 38.00 -25.16
CA SER A 16 24.88 37.15 -24.56
C SER A 16 24.44 36.06 -25.54
N SER A 17 24.60 36.35 -26.83
CA SER A 17 24.38 35.36 -27.87
C SER A 17 25.64 34.51 -28.01
N GLY A 18 26.79 35.10 -27.67
CA GLY A 18 28.07 34.41 -27.68
C GLY A 18 28.24 33.53 -26.46
N ARG A 19 27.77 34.03 -25.31
CA ARG A 19 27.81 33.26 -24.07
C ARG A 19 27.01 31.97 -24.21
N ARG A 20 25.88 32.04 -24.93
CA ARG A 20 25.05 30.85 -25.17
C ARG A 20 25.64 29.88 -26.21
N ALA A 21 26.18 30.42 -27.29
CA ALA A 21 26.75 29.60 -28.35
C ALA A 21 27.98 28.82 -27.86
N ALA A 22 28.78 29.46 -27.02
CA ALA A 22 29.99 28.86 -26.50
C ALA A 22 29.67 27.70 -25.55
N VAL A 23 28.72 27.91 -24.65
CA VAL A 23 28.32 26.87 -23.72
C VAL A 23 27.93 25.61 -24.47
N GLU A 24 27.39 25.79 -25.68
CA GLU A 24 27.08 24.65 -26.53
C GLU A 24 28.37 23.93 -26.95
N ASP A 25 29.37 24.71 -27.37
CA ASP A 25 30.65 24.14 -27.77
C ASP A 25 31.27 23.35 -26.63
N ASN A 26 31.12 23.88 -25.42
CA ASN A 26 31.59 23.22 -24.22
C ASN A 26 30.92 21.86 -24.04
N HIS A 27 29.59 21.86 -23.94
CA HIS A 27 28.85 20.60 -23.84
C HIS A 27 29.24 19.65 -24.98
N LEU A 28 29.64 20.22 -26.10
CA LEU A 28 29.94 19.38 -27.24
C LEU A 28 31.30 18.72 -26.99
N LEU A 29 32.21 19.46 -26.39
CA LEU A 29 33.52 18.95 -26.03
C LEU A 29 33.38 17.74 -25.12
N ILE A 30 32.54 17.88 -24.09
CA ILE A 30 32.20 16.75 -23.23
C ILE A 30 31.66 15.60 -24.07
N LYS A 31 30.62 15.85 -24.86
CA LYS A 31 30.02 14.78 -25.66
C LYS A 31 31.04 14.15 -26.60
N ALA A 32 31.90 14.98 -27.16
CA ALA A 32 32.95 14.51 -28.04
C ALA A 32 33.87 13.52 -27.31
N VAL A 33 34.25 13.86 -26.08
CA VAL A 33 35.03 12.96 -25.25
C VAL A 33 34.27 11.65 -25.00
N GLN A 34 33.01 11.76 -24.59
CA GLN A 34 32.18 10.59 -24.33
C GLN A 34 32.10 9.66 -25.54
N ASN A 35 32.07 10.25 -26.74
CA ASN A 35 31.99 9.46 -27.96
C ASN A 35 33.37 8.97 -28.43
N GLU A 36 34.40 9.36 -27.70
CA GLU A 36 35.76 8.92 -28.04
C GLU A 36 36.18 9.46 -29.42
N ASP A 37 35.69 10.65 -29.74
CA ASP A 37 36.00 11.34 -30.98
C ASP A 37 37.25 12.21 -30.82
N VAL A 38 38.42 11.60 -30.89
CA VAL A 38 39.65 12.32 -30.61
C VAL A 38 39.79 13.59 -31.46
N ASP A 39 39.59 13.43 -32.76
CA ASP A 39 39.72 14.54 -33.70
C ASP A 39 38.77 15.69 -33.35
N LEU A 40 37.57 15.37 -32.93
CA LEU A 40 36.57 16.38 -32.58
C LEU A 40 36.97 17.11 -31.30
N VAL A 41 37.52 16.37 -30.36
CA VAL A 41 38.00 16.95 -29.11
C VAL A 41 39.14 17.92 -29.41
N GLN A 42 40.04 17.53 -30.31
CA GLN A 42 41.16 18.39 -30.71
C GLN A 42 40.69 19.66 -31.40
N GLN A 43 39.65 19.55 -32.23
CA GLN A 43 39.12 20.71 -32.94
C GLN A 43 38.50 21.68 -31.96
N LEU A 44 37.70 21.13 -31.05
CA LEU A 44 36.94 21.93 -30.13
C LEU A 44 37.87 22.67 -29.17
N LEU A 45 38.96 22.01 -28.78
CA LEU A 45 39.92 22.58 -27.84
C LEU A 45 40.76 23.65 -28.54
N GLU A 46 41.30 23.29 -29.71
CA GLU A 46 42.02 24.24 -30.56
C GLU A 46 41.11 25.43 -30.90
N GLY A 47 39.82 25.15 -31.00
CA GLY A 47 38.82 26.19 -31.25
C GLY A 47 38.58 27.15 -30.10
N GLY A 48 38.94 26.73 -28.89
CA GLY A 48 38.86 27.61 -27.73
C GLY A 48 37.84 27.22 -26.70
N ALA A 49 37.32 25.99 -26.80
CA ALA A 49 36.38 25.51 -25.80
C ALA A 49 37.03 25.42 -24.42
N ASN A 50 36.25 25.72 -23.39
CA ASN A 50 36.74 25.64 -22.02
C ASN A 50 37.08 24.20 -21.61
N VAL A 51 38.38 23.93 -21.48
CA VAL A 51 38.83 22.56 -21.17
C VAL A 51 38.44 22.13 -19.75
N ASN A 52 38.15 23.10 -18.87
CA ASN A 52 37.72 22.82 -17.50
C ASN A 52 36.26 23.17 -17.24
N PHE A 53 35.43 22.99 -18.27
CA PHE A 53 34.01 23.20 -18.15
C PHE A 53 33.41 22.10 -17.32
N GLN A 54 32.52 22.48 -16.41
CA GLN A 54 31.79 21.52 -15.58
C GLN A 54 30.31 21.62 -15.88
N GLU A 55 29.72 20.50 -16.30
CA GLU A 55 28.28 20.48 -16.53
C GLU A 55 27.51 20.64 -15.22
N GLU A 56 26.28 21.17 -15.32
CA GLU A 56 25.53 21.61 -14.14
C GLU A 56 24.90 20.48 -13.32
N GLU A 57 24.78 19.30 -13.93
CA GLU A 57 24.21 18.15 -13.25
C GLU A 57 25.05 17.76 -12.04
N GLY A 58 26.23 17.20 -12.31
CA GLY A 58 27.07 16.66 -11.26
C GLY A 58 28.50 17.18 -11.23
N GLY A 59 28.73 18.29 -11.93
CA GLY A 59 30.03 18.95 -11.91
C GLY A 59 31.09 18.24 -12.72
N TRP A 60 30.69 17.40 -13.66
CA TRP A 60 31.63 16.66 -14.49
C TRP A 60 32.38 17.53 -15.50
N THR A 61 33.65 17.22 -15.69
CA THR A 61 34.47 17.89 -16.69
C THR A 61 34.83 16.92 -17.79
N PRO A 62 35.37 17.43 -18.91
CA PRO A 62 35.92 16.53 -19.93
C PRO A 62 36.94 15.57 -19.31
N LEU A 63 37.81 16.07 -18.43
CA LEU A 63 38.85 15.24 -17.85
C LEU A 63 38.24 14.07 -17.07
N HIS A 64 37.23 14.36 -16.27
CA HIS A 64 36.53 13.30 -15.54
C HIS A 64 36.04 12.21 -16.48
N ASN A 65 35.24 12.61 -17.46
CA ASN A 65 34.73 11.69 -18.46
C ASN A 65 35.87 10.86 -19.10
N ALA A 66 36.98 11.53 -19.42
CA ALA A 66 38.09 10.83 -20.05
C ALA A 66 38.65 9.76 -19.11
N VAL A 67 38.77 10.09 -17.83
CA VAL A 67 39.28 9.13 -16.85
C VAL A 67 38.29 7.98 -16.65
N GLN A 68 37.01 8.32 -16.47
CA GLN A 68 35.97 7.31 -16.31
C GLN A 68 36.08 6.23 -17.39
N MET A 69 36.47 6.65 -18.60
CA MET A 69 36.55 5.75 -19.75
C MET A 69 37.90 5.05 -19.96
N SER A 70 38.85 5.34 -19.08
CA SER A 70 40.20 4.77 -19.19
C SER A 70 40.89 5.08 -20.51
N ARG A 71 40.57 6.24 -21.07
CA ARG A 71 41.27 6.71 -22.25
C ARG A 71 42.44 7.58 -21.84
N GLU A 72 43.62 6.98 -21.76
CA GLU A 72 44.82 7.71 -21.35
C GLU A 72 45.15 8.80 -22.38
N ASP A 73 44.98 8.45 -23.66
CA ASP A 73 45.32 9.36 -24.76
C ASP A 73 44.49 10.64 -24.73
N ILE A 74 43.20 10.51 -24.40
CA ILE A 74 42.32 11.68 -24.33
C ILE A 74 42.60 12.49 -23.07
N VAL A 75 42.99 11.80 -21.99
CA VAL A 75 43.41 12.47 -20.76
C VAL A 75 44.62 13.35 -21.06
N GLU A 76 45.62 12.78 -21.74
CA GLU A 76 46.84 13.50 -22.10
C GLU A 76 46.54 14.77 -22.90
N LEU A 77 45.73 14.60 -23.94
CA LEU A 77 45.32 15.69 -24.81
C LEU A 77 44.70 16.83 -24.00
N LEU A 78 43.77 16.47 -23.13
CA LEU A 78 43.09 17.44 -22.28
C LEU A 78 44.08 18.12 -21.32
N LEU A 79 45.03 17.36 -20.80
CA LEU A 79 46.01 17.88 -19.87
C LEU A 79 46.91 18.91 -20.56
N ARG A 80 47.36 18.57 -21.76
CA ARG A 80 48.17 19.50 -22.55
C ARG A 80 47.42 20.79 -22.94
N HIS A 81 46.10 20.72 -23.12
CA HIS A 81 45.32 21.95 -23.34
C HIS A 81 44.98 22.66 -22.02
N GLY A 82 45.63 22.24 -20.94
CA GLY A 82 45.52 22.93 -19.67
C GLY A 82 44.39 22.50 -18.74
N ALA A 83 44.01 21.23 -18.80
CA ALA A 83 43.00 20.73 -17.88
C ALA A 83 43.56 20.56 -16.46
N ASP A 84 42.82 21.08 -15.47
CA ASP A 84 43.17 20.93 -14.06
C ASP A 84 43.03 19.46 -13.65
N PRO A 85 44.13 18.83 -13.21
CA PRO A 85 44.23 17.40 -12.89
C PRO A 85 43.72 17.04 -11.51
N VAL A 86 43.29 18.03 -10.75
CA VAL A 86 42.82 17.79 -9.38
C VAL A 86 41.47 18.46 -9.14
N LEU A 87 40.90 19.03 -10.19
CA LEU A 87 39.56 19.60 -10.12
C LEU A 87 38.53 18.53 -9.76
N ARG A 88 37.76 18.79 -8.72
CA ARG A 88 36.77 17.83 -8.24
C ARG A 88 35.39 18.09 -8.83
N LYS A 89 34.61 17.03 -9.02
CA LYS A 89 33.20 17.19 -9.38
C LYS A 89 32.32 17.44 -8.13
N LYS A 90 31.00 17.46 -8.31
CA LYS A 90 30.12 17.82 -7.21
C LYS A 90 30.21 16.88 -5.99
N ASN A 91 30.39 15.57 -6.23
CA ASN A 91 30.52 14.63 -5.12
C ASN A 91 31.86 14.75 -4.40
N GLY A 92 32.74 15.58 -4.96
CA GLY A 92 34.04 15.84 -4.38
C GLY A 92 35.14 14.96 -4.92
N ALA A 93 34.78 13.91 -5.65
CA ALA A 93 35.76 12.97 -6.21
C ALA A 93 36.70 13.65 -7.18
N THR A 94 37.98 13.30 -7.11
CA THR A 94 38.99 13.85 -8.01
C THR A 94 39.24 12.86 -9.14
N PRO A 95 39.90 13.33 -10.22
CA PRO A 95 40.27 12.39 -11.29
C PRO A 95 41.08 11.20 -10.77
N PHE A 96 41.96 11.43 -9.82
CA PHE A 96 42.73 10.34 -9.25
C PHE A 96 41.81 9.22 -8.76
N ILE A 97 40.82 9.60 -7.97
CA ILE A 97 39.84 8.67 -7.45
C ILE A 97 39.13 7.91 -8.58
N LEU A 98 38.59 8.67 -9.54
CA LEU A 98 37.90 8.11 -10.70
C LEU A 98 38.69 7.04 -11.44
N ALA A 99 40.01 7.19 -11.41
CA ALA A 99 40.90 6.25 -12.08
C ALA A 99 40.97 4.94 -11.32
N ALA A 100 40.62 4.97 -10.03
CA ALA A 100 40.56 3.76 -9.21
C ALA A 100 39.35 2.94 -9.57
N ILE A 101 38.22 3.63 -9.69
CA ILE A 101 36.97 3.03 -10.15
C ILE A 101 37.17 2.37 -11.50
N ALA A 102 38.00 3.02 -12.33
CA ALA A 102 38.35 2.51 -13.66
C ALA A 102 39.42 1.43 -13.62
N GLY A 103 40.15 1.36 -12.51
CA GLY A 103 41.16 0.33 -12.32
C GLY A 103 42.40 0.56 -13.16
N SER A 104 42.62 1.80 -13.57
CA SER A 104 43.79 2.18 -14.36
C SER A 104 45.02 2.55 -13.53
N VAL A 105 45.99 1.64 -13.46
CA VAL A 105 47.23 1.96 -12.76
C VAL A 105 47.95 3.16 -13.41
N LYS A 106 48.01 3.16 -14.74
CA LYS A 106 48.68 4.25 -15.44
C LYS A 106 48.14 5.61 -15.01
N LEU A 107 46.81 5.74 -14.94
CA LEU A 107 46.19 7.01 -14.57
C LEU A 107 46.38 7.37 -13.10
N LEU A 108 46.46 6.36 -12.23
CA LEU A 108 46.68 6.64 -10.81
C LEU A 108 48.12 7.15 -10.62
N LYS A 109 49.05 6.47 -11.27
CA LYS A 109 50.46 6.87 -11.30
C LYS A 109 50.59 8.31 -11.81
N LEU A 110 49.80 8.64 -12.82
CA LEU A 110 49.83 9.97 -13.42
C LEU A 110 49.32 11.06 -12.51
N PHE A 111 48.17 10.82 -11.88
CA PHE A 111 47.57 11.86 -11.06
C PHE A 111 48.31 12.02 -9.74
N LEU A 112 49.05 10.99 -9.36
CA LEU A 112 49.93 11.12 -8.21
C LEU A 112 51.05 12.08 -8.57
N SER A 113 51.66 11.84 -9.73
CA SER A 113 52.70 12.75 -10.25
C SER A 113 52.24 14.20 -10.41
N LYS A 114 50.93 14.44 -10.44
CA LYS A 114 50.43 15.79 -10.68
C LYS A 114 49.81 16.43 -9.45
N GLY A 115 49.97 15.79 -8.29
CA GLY A 115 49.61 16.38 -7.01
C GLY A 115 48.47 15.75 -6.21
N ALA A 116 48.06 14.54 -6.56
CA ALA A 116 47.01 13.89 -5.80
C ALA A 116 47.61 13.19 -4.60
N ASP A 117 46.86 13.15 -3.48
CA ASP A 117 47.25 12.43 -2.28
C ASP A 117 46.63 11.03 -2.29
N VAL A 118 47.42 10.01 -2.01
CA VAL A 118 46.93 8.63 -2.10
C VAL A 118 45.73 8.35 -1.18
N ASN A 119 45.59 9.16 -0.11
CA ASN A 119 44.47 9.00 0.82
C ASN A 119 43.47 10.16 0.79
N GLU A 120 43.46 10.92 -0.30
CA GLU A 120 42.42 11.92 -0.49
C GLU A 120 41.10 11.20 -0.77
N CYS A 121 40.00 11.89 -0.48
CA CYS A 121 38.69 11.26 -0.52
C CYS A 121 37.61 12.24 -0.99
N ASP A 122 36.54 11.74 -1.61
CA ASP A 122 35.41 12.62 -1.95
C ASP A 122 34.63 13.03 -0.71
N PHE A 123 33.58 13.83 -0.90
CA PHE A 123 32.85 14.36 0.25
C PHE A 123 32.01 13.33 0.99
N TYR A 124 32.10 12.06 0.60
CA TYR A 124 31.42 11.00 1.36
C TYR A 124 32.42 10.04 2.03
N GLY A 125 33.70 10.41 2.01
CA GLY A 125 34.74 9.68 2.70
C GLY A 125 35.38 8.60 1.87
N PHE A 126 34.97 8.53 0.61
CA PHE A 126 35.48 7.52 -0.34
C PHE A 126 36.87 7.80 -0.86
N THR A 127 37.80 6.87 -0.64
CA THR A 127 39.16 7.02 -1.12
C THR A 127 39.37 6.13 -2.34
N ALA A 128 40.44 6.40 -3.09
CA ALA A 128 40.80 5.57 -4.23
C ALA A 128 40.85 4.12 -3.81
N PHE A 129 41.49 3.85 -2.68
CA PHE A 129 41.64 2.47 -2.20
C PHE A 129 40.25 1.85 -2.02
N MET A 130 39.33 2.61 -1.45
CA MET A 130 37.99 2.10 -1.24
C MET A 130 37.32 1.80 -2.57
N GLU A 131 37.40 2.75 -3.50
CA GLU A 131 36.76 2.58 -4.80
C GLU A 131 37.29 1.34 -5.50
N ALA A 132 38.59 1.13 -5.44
CA ALA A 132 39.20 -0.05 -6.05
C ALA A 132 38.63 -1.36 -5.50
N ALA A 133 38.30 -1.37 -4.21
CA ALA A 133 37.75 -2.57 -3.56
C ALA A 133 36.29 -2.79 -3.90
N VAL A 134 35.51 -1.70 -3.88
CA VAL A 134 34.15 -1.68 -4.38
C VAL A 134 34.03 -2.19 -5.83
N TYR A 135 34.90 -1.71 -6.72
CA TYR A 135 34.85 -2.14 -8.12
C TYR A 135 35.72 -3.36 -8.48
N GLY A 136 36.26 -4.06 -7.47
CA GLY A 136 36.96 -5.30 -7.71
C GLY A 136 38.21 -5.14 -8.54
N LYS A 137 38.74 -3.91 -8.54
CA LYS A 137 39.95 -3.58 -9.27
C LYS A 137 41.20 -3.98 -8.51
N VAL A 138 41.68 -5.20 -8.74
CA VAL A 138 42.84 -5.74 -8.02
C VAL A 138 44.16 -5.01 -8.22
N LYS A 139 44.61 -4.91 -9.47
CA LYS A 139 45.90 -4.27 -9.74
C LYS A 139 45.96 -2.88 -9.15
N ALA A 140 44.89 -2.10 -9.32
CA ALA A 140 44.80 -0.78 -8.70
C ALA A 140 44.90 -0.86 -7.17
N LEU A 141 44.25 -1.85 -6.57
CA LEU A 141 44.32 -2.02 -5.13
C LEU A 141 45.77 -2.22 -4.70
N LYS A 142 46.45 -3.18 -5.31
CA LYS A 142 47.86 -3.44 -4.99
C LYS A 142 48.74 -2.23 -5.24
N PHE A 143 48.47 -1.50 -6.31
CA PHE A 143 49.24 -0.30 -6.60
C PHE A 143 49.08 0.73 -5.48
N LEU A 144 47.83 1.04 -5.15
CA LEU A 144 47.51 1.99 -4.10
C LEU A 144 48.05 1.59 -2.73
N TYR A 145 48.06 0.29 -2.46
CA TYR A 145 48.59 -0.18 -1.20
C TYR A 145 50.07 0.17 -1.13
N LYS A 146 50.81 -0.28 -2.14
CA LYS A 146 52.26 -0.08 -2.22
C LYS A 146 52.70 1.40 -2.39
N ARG A 147 51.72 2.30 -2.45
CA ARG A 147 51.95 3.74 -2.55
C ARG A 147 51.41 4.45 -1.31
N GLY A 148 51.12 3.66 -0.28
CA GLY A 148 50.78 4.20 1.03
C GLY A 148 49.32 4.37 1.34
N ALA A 149 48.44 3.70 0.60
CA ALA A 149 47.02 3.77 0.90
C ALA A 149 46.75 3.25 2.31
N ASN A 150 46.03 4.04 3.10
CA ASN A 150 45.58 3.60 4.41
C ASN A 150 44.44 2.58 4.30
N VAL A 151 44.76 1.28 4.46
CA VAL A 151 43.80 0.19 4.26
C VAL A 151 42.57 0.20 5.19
N ASN A 152 42.74 0.63 6.43
CA ASN A 152 41.65 0.54 7.39
C ASN A 152 40.86 1.82 7.65
N LEU A 153 41.04 2.82 6.79
CA LEU A 153 40.28 4.05 6.91
C LEU A 153 38.77 3.78 6.96
N ARG A 154 38.07 4.54 7.80
CA ARG A 154 36.62 4.44 7.93
C ARG A 154 35.95 5.69 7.40
N ARG A 155 35.02 5.52 6.47
CA ARG A 155 34.50 6.64 5.71
C ARG A 155 33.95 7.77 6.56
N LYS A 156 34.53 8.94 6.39
CA LYS A 156 34.06 10.11 7.07
C LYS A 156 33.72 11.14 6.02
N THR A 157 32.45 11.54 5.95
CA THR A 157 32.06 12.64 5.09
C THR A 157 32.83 13.86 5.61
N LYS A 158 32.84 14.96 4.88
CA LYS A 158 33.68 16.09 5.30
C LYS A 158 33.09 16.86 6.50
N GLU A 159 31.82 17.24 6.42
CA GLU A 159 31.15 17.85 7.57
C GLU A 159 30.76 16.78 8.58
N ASP A 160 31.66 15.81 8.74
CA ASP A 160 31.47 14.62 9.56
C ASP A 160 32.73 14.50 10.40
N GLN A 161 33.88 14.83 9.80
CA GLN A 161 35.18 14.83 10.48
C GLN A 161 35.23 15.97 11.48
N GLU A 162 34.68 17.11 11.06
CA GLU A 162 34.67 18.33 11.86
C GLU A 162 33.88 18.21 13.17
N ARG A 163 32.90 17.32 13.20
CA ARG A 163 32.13 17.11 14.43
C ARG A 163 32.66 15.91 15.23
N LEU A 164 33.86 15.46 14.90
CA LEU A 164 34.55 14.39 15.63
C LEU A 164 33.85 13.03 15.60
N ARG A 165 32.94 12.84 14.64
CA ARG A 165 32.09 11.65 14.65
C ARG A 165 32.85 10.34 14.35
N GLY A 168 31.05 5.44 8.02
CA GLY A 168 32.02 4.71 8.84
C GLY A 168 32.45 3.39 8.23
N ALA A 169 31.98 3.06 7.03
CA ALA A 169 32.38 1.83 6.34
C ALA A 169 33.87 1.79 5.94
N THR A 170 34.39 0.58 5.69
CA THR A 170 35.77 0.41 5.30
C THR A 170 35.87 -0.39 4.03
N ALA A 171 37.01 -0.28 3.34
CA ALA A 171 37.19 -0.98 2.09
C ALA A 171 36.90 -2.48 2.21
N LEU A 172 37.29 -3.09 3.32
CA LEU A 172 37.02 -4.52 3.51
C LEU A 172 35.53 -4.79 3.42
N MET A 173 34.73 -3.97 4.10
CA MET A 173 33.27 -4.11 4.08
C MET A 173 32.71 -4.04 2.66
N ASP A 174 33.12 -3.01 1.94
CA ASP A 174 32.74 -2.81 0.55
C ASP A 174 32.98 -4.06 -0.30
N ALA A 175 34.19 -4.59 -0.22
CA ALA A 175 34.52 -5.80 -0.97
C ALA A 175 33.61 -6.98 -0.56
N ALA A 176 33.16 -6.95 0.68
CA ALA A 176 32.32 -8.03 1.21
C ALA A 176 30.89 -7.95 0.68
N GLU A 177 30.35 -6.73 0.63
CA GLU A 177 29.02 -6.48 0.10
C GLU A 177 28.88 -6.71 -1.42
N LYS A 178 29.93 -6.43 -2.19
CA LYS A 178 29.91 -6.68 -3.63
C LYS A 178 30.41 -8.08 -4.01
N GLY A 179 30.84 -8.86 -3.02
CA GLY A 179 31.23 -10.24 -3.22
C GLY A 179 32.48 -10.47 -4.07
N HIS A 180 33.50 -9.66 -3.86
CA HIS A 180 34.77 -9.87 -4.54
C HIS A 180 35.69 -10.72 -3.70
N VAL A 181 35.69 -12.02 -3.98
CA VAL A 181 36.48 -12.96 -3.20
C VAL A 181 37.99 -12.71 -3.33
N GLU A 182 38.46 -12.51 -4.56
CA GLU A 182 39.87 -12.25 -4.83
C GLU A 182 40.35 -11.06 -3.99
N VAL A 183 39.60 -9.97 -4.03
CA VAL A 183 39.94 -8.76 -3.28
C VAL A 183 39.91 -8.99 -1.77
N LEU A 184 38.89 -9.69 -1.28
CA LEU A 184 38.80 -9.94 0.16
C LEU A 184 40.00 -10.73 0.70
N LYS A 185 40.38 -11.80 0.00
CA LYS A 185 41.60 -12.55 0.35
C LYS A 185 42.79 -11.61 0.47
N ILE A 186 43.00 -10.75 -0.53
CA ILE A 186 44.15 -9.85 -0.55
C ILE A 186 44.14 -8.86 0.62
N LEU A 187 42.98 -8.26 0.89
CA LEU A 187 42.87 -7.32 2.01
C LEU A 187 43.17 -7.97 3.35
N LEU A 188 42.69 -9.20 3.53
CA LEU A 188 42.84 -9.88 4.82
C LEU A 188 44.22 -10.48 5.01
N ASP A 189 44.75 -11.09 3.94
CA ASP A 189 46.05 -11.78 4.01
C ASP A 189 47.26 -10.87 3.73
N GLU A 190 47.18 -10.08 2.67
CA GLU A 190 48.34 -9.36 2.18
C GLU A 190 48.44 -7.91 2.68
N MET A 191 47.32 -7.28 2.97
CA MET A 191 47.28 -5.83 3.23
C MET A 191 46.87 -5.45 4.65
N GLY A 192 46.77 -6.44 5.53
CA GLY A 192 46.44 -6.19 6.92
C GLY A 192 45.13 -5.47 7.18
N ALA A 193 44.09 -5.83 6.45
CA ALA A 193 42.78 -5.28 6.73
C ALA A 193 42.26 -5.84 8.07
N ASP A 194 41.57 -5.00 8.82
CA ASP A 194 41.06 -5.39 10.15
C ASP A 194 39.65 -5.99 10.08
N VAL A 195 39.60 -7.33 10.05
CA VAL A 195 38.35 -8.05 9.82
C VAL A 195 37.15 -7.59 10.66
N ASN A 196 37.43 -7.14 11.88
CA ASN A 196 36.35 -6.77 12.80
C ASN A 196 36.05 -5.29 13.01
N ALA A 197 36.49 -4.44 12.08
CA ALA A 197 36.07 -3.05 12.08
C ALA A 197 34.54 -2.95 11.95
N CYS A 198 33.96 -1.91 12.56
CA CYS A 198 32.51 -1.69 12.49
C CYS A 198 32.17 -0.27 12.01
N ASP A 199 31.14 -0.15 11.16
CA ASP A 199 30.68 1.16 10.74
C ASP A 199 29.89 1.82 11.86
N ASN A 200 29.27 2.95 11.56
CA ASN A 200 28.58 3.72 12.59
C ASN A 200 27.24 3.12 13.01
N MET A 201 26.79 2.09 12.31
CA MET A 201 25.63 1.32 12.74
C MET A 201 26.07 0.00 13.36
N GLY A 202 27.36 -0.11 13.67
CA GLY A 202 27.88 -1.29 14.32
C GLY A 202 27.89 -2.57 13.50
N ARG A 203 27.80 -2.43 12.17
CA ARG A 203 27.88 -3.58 11.28
C ARG A 203 29.33 -3.82 10.88
N ASN A 204 29.73 -5.08 10.75
CA ASN A 204 31.08 -5.42 10.32
C ASN A 204 31.10 -6.07 8.95
N ALA A 205 32.30 -6.41 8.46
CA ALA A 205 32.41 -7.02 7.14
C ALA A 205 31.46 -8.22 6.96
N LEU A 206 31.21 -8.97 8.03
CA LEU A 206 30.36 -10.16 7.96
C LEU A 206 28.90 -9.77 7.76
N ILE A 207 28.43 -8.85 8.60
CA ILE A 207 27.08 -8.34 8.44
C ILE A 207 26.82 -7.76 7.04
N HIS A 208 27.78 -7.02 6.51
CA HIS A 208 27.62 -6.40 5.20
C HIS A 208 27.51 -7.44 4.11
N ALA A 209 28.24 -8.55 4.26
CA ALA A 209 28.24 -9.59 3.25
C ALA A 209 26.86 -10.23 3.15
N LEU A 210 26.23 -10.41 4.31
CA LEU A 210 24.91 -11.01 4.40
C LEU A 210 23.75 -10.06 4.07
N LEU A 211 23.99 -8.76 4.17
CA LEU A 211 22.98 -7.78 3.81
C LEU A 211 22.90 -7.53 2.30
N SER A 212 23.97 -7.86 1.57
CA SER A 212 24.05 -7.48 0.15
C SER A 212 22.99 -8.15 -0.72
N SER A 213 22.83 -7.62 -1.92
CA SER A 213 21.88 -8.18 -2.88
C SER A 213 22.42 -9.47 -3.48
N ASP A 214 23.73 -9.67 -3.40
CA ASP A 214 24.40 -10.78 -4.09
C ASP A 214 24.59 -12.07 -3.30
N ASP A 215 23.60 -12.97 -3.35
CA ASP A 215 23.73 -14.31 -2.80
C ASP A 215 24.70 -15.12 -3.65
N SER A 216 25.41 -14.44 -4.54
CA SER A 216 26.28 -15.08 -5.51
C SER A 216 27.47 -15.77 -4.85
N ASP A 217 28.30 -14.97 -4.19
CA ASP A 217 29.52 -15.47 -3.58
C ASP A 217 29.47 -15.34 -2.06
N VAL A 218 28.28 -15.10 -1.52
CA VAL A 218 28.09 -14.87 -0.09
C VAL A 218 28.61 -16.02 0.78
N GLU A 219 28.59 -17.23 0.25
CA GLU A 219 29.11 -18.35 1.02
C GLU A 219 30.61 -18.24 1.19
N ALA A 220 31.32 -17.93 0.11
CA ALA A 220 32.77 -17.76 0.18
C ALA A 220 33.16 -16.61 1.09
N ILE A 221 32.54 -15.45 0.86
CA ILE A 221 32.80 -14.27 1.69
C ILE A 221 32.60 -14.57 3.18
N THR A 222 31.55 -15.34 3.49
CA THR A 222 31.22 -15.65 4.87
C THR A 222 32.24 -16.61 5.48
N HIS A 223 32.60 -17.64 4.72
CA HIS A 223 33.63 -18.58 5.14
C HIS A 223 34.94 -17.82 5.37
N LEU A 224 35.40 -17.11 4.33
CA LEU A 224 36.62 -16.34 4.41
C LEU A 224 36.67 -15.49 5.66
N LEU A 225 35.67 -14.63 5.84
CA LEU A 225 35.62 -13.76 7.01
C LEU A 225 35.69 -14.51 8.34
N LEU A 226 35.02 -15.66 8.41
CA LEU A 226 34.98 -16.40 9.65
C LEU A 226 36.32 -17.04 9.98
N ASP A 227 37.05 -17.50 8.97
CA ASP A 227 38.41 -18.02 9.16
C ASP A 227 39.33 -16.95 9.72
N HIS A 228 39.21 -15.73 9.20
CA HIS A 228 40.06 -14.63 9.61
C HIS A 228 39.56 -13.99 10.91
N GLY A 229 38.74 -14.75 11.61
CA GLY A 229 38.31 -14.40 12.96
C GLY A 229 37.23 -13.35 13.07
N ALA A 230 36.27 -13.35 12.14
CA ALA A 230 35.19 -12.38 12.22
C ALA A 230 34.28 -12.72 13.40
N ASP A 231 33.79 -11.67 14.06
CA ASP A 231 32.91 -11.80 15.22
C ASP A 231 31.47 -12.18 14.82
N VAL A 232 31.12 -13.45 15.02
CA VAL A 232 29.77 -13.92 14.67
C VAL A 232 28.64 -13.33 15.49
N ASN A 233 28.98 -12.51 16.50
CA ASN A 233 27.96 -11.99 17.41
C ASN A 233 27.87 -10.47 17.45
N VAL A 234 27.61 -9.85 16.30
CA VAL A 234 27.50 -8.40 16.26
C VAL A 234 26.04 -7.98 16.10
N ARG A 235 25.67 -6.88 16.75
CA ARG A 235 24.33 -6.33 16.59
C ARG A 235 24.28 -5.37 15.42
N GLY A 236 23.46 -5.70 14.42
CA GLY A 236 23.32 -4.89 13.23
C GLY A 236 22.30 -3.78 13.36
N GLU A 237 21.56 -3.54 12.29
CA GLU A 237 20.63 -2.42 12.22
C GLU A 237 19.50 -2.53 13.24
N ARG A 238 18.99 -3.75 13.43
CA ARG A 238 17.89 -3.95 14.36
C ARG A 238 18.10 -5.21 15.16
N GLY A 239 19.20 -5.25 15.92
CA GLY A 239 19.54 -6.42 16.70
C GLY A 239 19.93 -7.60 15.82
N LYS A 240 19.69 -7.44 14.52
CA LYS A 240 19.92 -8.49 13.55
C LYS A 240 21.35 -9.03 13.60
N THR A 241 21.53 -10.23 14.15
CA THR A 241 22.83 -10.88 14.14
C THR A 241 23.10 -11.58 12.81
N PRO A 242 24.33 -12.05 12.60
CA PRO A 242 24.62 -12.84 11.40
C PRO A 242 23.78 -14.11 11.32
N LEU A 243 23.49 -14.73 12.45
CA LEU A 243 22.66 -15.93 12.46
C LEU A 243 21.25 -15.62 11.96
N ILE A 244 20.66 -14.55 12.49
CA ILE A 244 19.31 -14.13 12.11
C ILE A 244 19.20 -13.74 10.63
N LEU A 245 20.25 -13.12 10.10
CA LEU A 245 20.27 -12.80 8.69
C LEU A 245 20.39 -14.07 7.86
N ALA A 246 21.20 -15.01 8.34
CA ALA A 246 21.37 -16.27 7.63
C ALA A 246 20.02 -16.99 7.53
N VAL A 247 19.22 -16.86 8.58
CA VAL A 247 17.92 -17.49 8.63
C VAL A 247 16.91 -16.74 7.78
N GLU A 248 16.91 -15.41 7.86
CA GLU A 248 15.97 -14.61 7.10
C GLU A 248 16.23 -14.76 5.61
N LYS A 249 17.49 -14.98 5.26
CA LYS A 249 17.87 -15.26 3.89
C LYS A 249 17.39 -16.64 3.48
N LYS A 250 16.99 -17.45 4.46
CA LYS A 250 16.50 -18.79 4.20
C LYS A 250 17.60 -19.66 3.60
N HIS A 251 18.84 -19.40 4.00
CA HIS A 251 19.99 -20.09 3.44
C HIS A 251 20.46 -21.17 4.39
N LEU A 252 20.44 -22.42 3.94
CA LEU A 252 20.82 -23.51 4.82
C LEU A 252 22.34 -23.55 5.01
N GLY A 253 23.07 -23.26 3.93
CA GLY A 253 24.52 -23.28 3.97
C GLY A 253 25.12 -22.26 4.91
N LEU A 254 24.59 -21.05 4.91
CA LEU A 254 25.07 -19.99 5.79
C LEU A 254 24.79 -20.32 7.25
N VAL A 255 23.59 -20.82 7.53
CA VAL A 255 23.24 -21.22 8.89
C VAL A 255 24.13 -22.38 9.31
N GLN A 256 24.42 -23.27 8.37
CA GLN A 256 25.27 -24.42 8.63
C GLN A 256 26.69 -24.01 9.00
N ARG A 257 27.28 -23.16 8.16
CA ARG A 257 28.63 -22.65 8.39
C ARG A 257 28.70 -21.75 9.62
N LEU A 258 27.70 -20.90 9.80
CA LEU A 258 27.65 -19.99 10.96
C LEU A 258 27.59 -20.74 12.29
N LEU A 259 27.01 -21.93 12.26
CA LEU A 259 26.79 -22.71 13.49
C LEU A 259 28.00 -23.54 13.91
N GLU A 260 28.95 -23.72 12.99
CA GLU A 260 30.22 -24.37 13.32
C GLU A 260 31.13 -23.44 14.10
N GLN A 261 30.67 -22.20 14.29
CA GLN A 261 31.37 -21.27 15.17
C GLN A 261 31.10 -21.65 16.62
N GLU A 262 32.15 -22.04 17.34
CA GLU A 262 32.00 -22.63 18.66
C GLU A 262 31.33 -21.75 19.71
N HIS A 263 31.46 -20.43 19.57
CA HIS A 263 30.92 -19.51 20.58
C HIS A 263 29.89 -18.52 20.03
N ILE A 264 28.97 -19.02 19.22
CA ILE A 264 27.90 -18.18 18.70
C ILE A 264 26.69 -18.19 19.66
N GLU A 265 26.24 -17.00 20.05
CA GLU A 265 25.08 -16.86 20.91
C GLU A 265 23.78 -17.25 20.20
N ILE A 266 23.56 -18.56 20.06
CA ILE A 266 22.43 -19.12 19.33
C ILE A 266 21.11 -18.40 19.66
N ASN A 267 20.92 -18.14 20.95
CA ASN A 267 19.67 -17.58 21.43
C ASN A 267 19.62 -16.06 21.52
N ASP A 268 20.57 -15.39 20.88
CA ASP A 268 20.54 -13.95 20.83
C ASP A 268 19.22 -13.52 20.19
N THR A 269 18.70 -12.37 20.61
CA THR A 269 17.40 -11.91 20.14
C THR A 269 17.51 -10.62 19.35
N ASP A 270 16.73 -10.53 18.27
CA ASP A 270 16.73 -9.32 17.44
C ASP A 270 16.04 -8.14 18.11
N SER A 271 15.75 -7.12 17.31
CA SER A 271 15.08 -5.91 17.78
C SER A 271 13.69 -6.22 18.33
N ASP A 272 12.97 -7.11 17.64
CA ASP A 272 11.61 -7.47 17.98
C ASP A 272 11.49 -8.55 19.08
N GLY A 273 12.63 -9.07 19.55
CA GLY A 273 12.62 -10.12 20.55
C GLY A 273 12.64 -11.50 19.94
N LYS A 274 12.37 -11.57 18.65
CA LYS A 274 12.45 -12.81 17.89
C LYS A 274 13.87 -13.36 17.99
N THR A 275 14.03 -14.65 17.78
CA THR A 275 15.36 -15.26 17.76
C THR A 275 15.59 -16.04 16.48
N ALA A 276 16.78 -16.64 16.34
CA ALA A 276 17.11 -17.39 15.14
C ALA A 276 16.12 -18.53 14.94
N LEU A 277 15.76 -19.21 16.03
CA LEU A 277 14.79 -20.29 15.95
C LEU A 277 13.35 -19.83 15.69
N LEU A 278 12.91 -18.77 16.38
CA LEU A 278 11.56 -18.24 16.20
C LEU A 278 11.31 -17.84 14.75
N LEU A 279 12.25 -17.10 14.17
CA LEU A 279 12.14 -16.69 12.79
C LEU A 279 12.23 -17.87 11.83
N ALA A 280 13.04 -18.85 12.19
CA ALA A 280 13.13 -20.07 11.39
C ALA A 280 11.75 -20.71 11.26
N VAL A 281 10.99 -20.70 12.35
CA VAL A 281 9.66 -21.31 12.40
C VAL A 281 8.57 -20.42 11.81
N GLU A 282 8.63 -19.12 12.05
CA GLU A 282 7.70 -18.20 11.41
C GLU A 282 7.78 -18.34 9.89
N LEU A 283 8.99 -18.52 9.39
CA LEU A 283 9.24 -18.64 7.95
C LEU A 283 9.12 -20.07 7.43
N LYS A 284 8.69 -21.00 8.28
CA LYS A 284 8.48 -22.38 7.86
C LYS A 284 9.73 -23.08 7.30
N LEU A 285 10.90 -22.72 7.83
CA LEU A 285 12.14 -23.38 7.41
C LEU A 285 12.32 -24.68 8.18
N LYS A 286 11.94 -25.79 7.56
CA LYS A 286 11.92 -27.07 8.28
C LYS A 286 13.34 -27.53 8.65
N LYS A 287 14.25 -27.49 7.70
CA LYS A 287 15.63 -27.94 7.94
C LYS A 287 16.44 -26.98 8.83
N ILE A 288 16.22 -25.69 8.65
CA ILE A 288 16.90 -24.69 9.46
C ILE A 288 16.45 -24.73 10.92
N ALA A 289 15.14 -24.88 11.15
CA ALA A 289 14.61 -24.99 12.49
C ALA A 289 15.10 -26.27 13.17
N GLU A 290 15.11 -27.37 12.42
CA GLU A 290 15.58 -28.65 12.92
C GLU A 290 17.06 -28.60 13.26
N LEU A 291 17.84 -27.95 12.41
CA LEU A 291 19.28 -27.80 12.62
C LEU A 291 19.57 -26.90 13.82
N LEU A 292 18.78 -25.84 13.98
CA LEU A 292 18.94 -24.93 15.12
C LEU A 292 18.59 -25.61 16.44
N CYS A 293 17.60 -26.49 16.41
CA CYS A 293 17.13 -27.13 17.63
C CYS A 293 18.16 -28.08 18.20
N LYS A 294 19.05 -28.56 17.37
CA LYS A 294 20.16 -29.36 17.86
C LYS A 294 21.16 -28.51 18.66
N ARG A 295 20.67 -27.35 19.12
CA ARG A 295 21.34 -26.51 20.13
C ARG A 295 20.41 -25.44 20.77
N GLY A 296 19.47 -24.90 20.00
CA GLY A 296 18.69 -23.75 20.42
C GLY A 296 17.71 -23.94 21.56
N ALA A 297 17.47 -22.85 22.31
CA ALA A 297 16.53 -22.87 23.43
C ALA A 297 15.09 -22.63 22.97
N SER A 298 14.24 -23.62 23.23
CA SER A 298 12.82 -23.54 22.89
C SER A 298 11.98 -23.05 24.07
N THR A 299 12.64 -22.71 25.18
CA THR A 299 11.95 -22.19 26.35
C THR A 299 11.83 -20.67 26.27
N CYS A 301 11.85 -18.37 23.17
CA CYS A 301 10.75 -17.69 22.49
C CYS A 301 9.42 -18.23 22.94
N GLY A 302 9.39 -19.52 23.26
CA GLY A 302 8.24 -20.17 23.88
C GLY A 302 7.05 -20.44 22.98
N ASP A 303 6.50 -19.38 22.38
CA ASP A 303 5.35 -19.50 21.50
C ASP A 303 5.72 -20.13 20.15
N LEU A 304 6.77 -20.94 20.17
CA LEU A 304 7.24 -21.65 18.98
C LEU A 304 6.15 -22.53 18.39
N VAL A 305 5.75 -23.53 19.18
CA VAL A 305 4.74 -24.49 18.75
C VAL A 305 3.45 -23.82 18.28
N MET A 306 3.04 -22.77 19.00
CA MET A 306 1.85 -22.03 18.61
C MET A 306 2.01 -21.35 17.26
N THR A 307 3.25 -21.01 16.91
CA THR A 307 3.55 -20.39 15.62
C THR A 307 3.51 -21.42 14.49
N ALA A 308 4.00 -22.62 14.78
CA ALA A 308 4.00 -23.70 13.80
C ALA A 308 2.56 -24.15 13.58
N ARG A 309 1.76 -24.09 14.64
CA ARG A 309 0.35 -24.41 14.54
C ARG A 309 -0.40 -23.39 13.68
N ARG A 310 -0.17 -22.10 13.91
CA ARG A 310 -0.74 -21.04 13.07
C ARG A 310 -0.32 -21.22 11.61
N ASN A 311 0.82 -21.87 11.41
CA ASN A 311 1.37 -22.12 10.07
C ASN A 311 0.79 -23.37 9.43
N TYR A 312 0.05 -24.15 10.22
CA TYR A 312 -0.50 -25.44 9.77
C TYR A 312 0.61 -26.45 9.46
N ASP A 313 1.74 -26.31 10.14
CA ASP A 313 2.96 -27.08 9.85
C ASP A 313 3.13 -28.18 10.91
N HIS A 314 2.53 -29.34 10.68
CA HIS A 314 2.55 -30.39 11.70
C HIS A 314 3.82 -31.24 11.69
N SER A 315 4.55 -31.22 10.58
CA SER A 315 5.86 -31.82 10.55
C SER A 315 6.77 -31.05 11.53
N LEU A 316 6.61 -29.73 11.55
CA LEU A 316 7.41 -28.83 12.38
C LEU A 316 6.94 -28.78 13.83
N VAL A 317 5.64 -28.96 14.05
CA VAL A 317 5.11 -28.99 15.42
C VAL A 317 5.71 -30.19 16.15
N LYS A 318 5.90 -31.27 15.40
CA LYS A 318 6.49 -32.49 15.93
C LYS A 318 7.97 -32.31 16.29
N VAL A 319 8.71 -31.63 15.41
CA VAL A 319 10.12 -31.37 15.67
C VAL A 319 10.30 -30.54 16.95
N LEU A 320 9.57 -29.43 17.04
CA LEU A 320 9.67 -28.52 18.19
C LEU A 320 9.45 -29.22 19.54
N LEU A 321 8.44 -30.09 19.60
CA LEU A 321 8.08 -30.76 20.85
C LEU A 321 9.13 -31.76 21.32
N SER A 322 9.75 -32.46 20.36
CA SER A 322 10.82 -33.38 20.66
C SER A 322 12.01 -32.67 21.29
N HIS A 323 12.04 -31.35 21.18
CA HIS A 323 13.10 -30.58 21.82
C HIS A 323 12.52 -29.73 22.94
N GLY A 324 11.36 -30.18 23.45
CA GLY A 324 10.75 -29.61 24.63
C GLY A 324 10.34 -28.16 24.52
N ALA A 325 9.21 -27.93 23.85
CA ALA A 325 8.67 -26.58 23.74
C ALA A 325 7.43 -26.45 24.63
N ALA B 21 -13.44 -23.52 36.67
CA ALA B 21 -12.82 -24.84 36.72
C ALA B 21 -13.14 -25.66 35.48
N ALA B 22 -14.38 -25.54 35.00
CA ALA B 22 -14.80 -26.28 33.82
C ALA B 22 -14.13 -25.77 32.56
N VAL B 23 -14.05 -24.45 32.40
CA VAL B 23 -13.38 -23.87 31.24
C VAL B 23 -11.94 -24.39 31.15
N GLU B 24 -11.35 -24.69 32.29
CA GLU B 24 -10.03 -25.31 32.29
C GLU B 24 -10.10 -26.73 31.70
N ASP B 25 -11.10 -27.49 32.10
CA ASP B 25 -11.27 -28.86 31.57
C ASP B 25 -11.45 -28.82 30.06
N ASN B 26 -12.19 -27.82 29.60
CA ASN B 26 -12.39 -27.61 28.18
C ASN B 26 -11.06 -27.40 27.46
N HIS B 27 -10.34 -26.34 27.84
CA HIS B 27 -9.02 -26.08 27.28
C HIS B 27 -8.13 -27.30 27.34
N LEU B 28 -8.37 -28.14 28.35
CA LEU B 28 -7.54 -29.32 28.54
C LEU B 28 -7.90 -30.34 27.47
N LEU B 29 -9.20 -30.43 27.16
CA LEU B 29 -9.71 -31.31 26.10
C LEU B 29 -9.05 -30.97 24.77
N ILE B 30 -9.06 -29.69 24.42
CA ILE B 30 -8.33 -29.23 23.26
C ILE B 30 -6.86 -29.67 23.33
N LYS B 31 -6.15 -29.29 24.40
CA LYS B 31 -4.75 -29.66 24.54
C LYS B 31 -4.54 -31.15 24.45
N ALA B 32 -5.46 -31.93 25.03
CA ALA B 32 -5.38 -33.37 25.00
C ALA B 32 -5.45 -33.87 23.56
N VAL B 33 -6.33 -33.27 22.77
CA VAL B 33 -6.42 -33.61 21.36
C VAL B 33 -5.13 -33.26 20.65
N GLN B 34 -4.63 -32.04 20.89
CA GLN B 34 -3.39 -31.59 20.27
C GLN B 34 -2.24 -32.54 20.56
N ASN B 35 -2.21 -33.10 21.77
CA ASN B 35 -1.15 -34.02 22.16
C ASN B 35 -1.40 -35.44 21.70
N GLU B 36 -2.54 -35.66 21.05
CA GLU B 36 -2.89 -36.99 20.55
C GLU B 36 -3.04 -38.00 21.69
N ASP B 37 -3.52 -37.50 22.83
CA ASP B 37 -3.76 -38.32 24.02
C ASP B 37 -5.17 -38.89 24.01
N VAL B 38 -5.37 -39.97 23.27
CA VAL B 38 -6.71 -40.51 23.08
C VAL B 38 -7.41 -40.76 24.41
N ASP B 39 -6.72 -41.47 25.30
CA ASP B 39 -7.29 -41.83 26.60
C ASP B 39 -7.72 -40.60 27.39
N LEU B 40 -6.95 -39.53 27.31
CA LEU B 40 -7.25 -38.32 28.06
C LEU B 40 -8.47 -37.61 27.48
N VAL B 41 -8.58 -37.66 26.15
CA VAL B 41 -9.71 -37.07 25.46
C VAL B 41 -10.97 -37.81 25.89
N GLN B 42 -10.87 -39.14 25.95
CA GLN B 42 -12.00 -39.98 26.35
C GLN B 42 -12.44 -39.69 27.79
N GLN B 43 -11.47 -39.48 28.67
CA GLN B 43 -11.78 -39.21 30.08
C GLN B 43 -12.46 -37.87 30.21
N LEU B 44 -11.93 -36.89 29.52
CA LEU B 44 -12.42 -35.53 29.64
C LEU B 44 -13.84 -35.42 29.07
N LEU B 45 -14.11 -36.17 28.00
CA LEU B 45 -15.41 -36.15 27.36
C LEU B 45 -16.43 -36.91 28.21
N GLU B 46 -16.07 -38.12 28.60
CA GLU B 46 -16.87 -38.90 29.53
C GLU B 46 -17.11 -38.11 30.82
N GLY B 47 -16.13 -37.27 31.17
CA GLY B 47 -16.21 -36.42 32.34
C GLY B 47 -17.20 -35.27 32.21
N GLY B 48 -17.56 -34.91 30.99
CA GLY B 48 -18.56 -33.89 30.78
C GLY B 48 -18.05 -32.61 30.16
N ALA B 49 -16.83 -32.64 29.65
CA ALA B 49 -16.26 -31.47 29.00
C ALA B 49 -17.06 -31.12 27.74
N ASN B 50 -17.20 -29.84 27.47
CA ASN B 50 -17.89 -29.36 26.27
C ASN B 50 -17.19 -29.77 24.99
N VAL B 51 -17.78 -30.70 24.25
CA VAL B 51 -17.14 -31.23 23.03
C VAL B 51 -17.10 -30.17 21.92
N ASN B 52 -17.97 -29.16 22.03
CA ASN B 52 -18.01 -28.07 21.05
C ASN B 52 -17.51 -26.74 21.60
N PHE B 53 -16.54 -26.82 22.50
CA PHE B 53 -15.91 -25.64 23.04
C PHE B 53 -15.05 -24.98 21.98
N GLN B 54 -15.15 -23.66 21.89
CA GLN B 54 -14.31 -22.89 20.99
C GLN B 54 -13.41 -21.95 21.77
N GLU B 55 -12.11 -22.09 21.60
CA GLU B 55 -11.18 -21.19 22.25
C GLU B 55 -11.34 -19.75 21.71
N GLU B 56 -10.96 -18.76 22.53
CA GLU B 56 -11.29 -17.36 22.26
C GLU B 56 -10.38 -16.71 21.22
N GLU B 57 -9.24 -17.32 20.97
CA GLU B 57 -8.29 -16.80 19.98
C GLU B 57 -8.94 -16.78 18.60
N GLY B 58 -9.10 -17.96 18.02
CA GLY B 58 -9.57 -18.10 16.65
C GLY B 58 -10.78 -18.98 16.46
N GLY B 59 -11.48 -19.27 17.54
CA GLY B 59 -12.71 -20.04 17.47
C GLY B 59 -12.51 -21.52 17.21
N TRP B 60 -11.32 -22.03 17.49
CA TRP B 60 -11.03 -23.46 17.28
C TRP B 60 -11.73 -24.38 18.26
N THR B 61 -12.15 -25.53 17.76
CA THR B 61 -12.77 -26.56 18.57
C THR B 61 -11.87 -27.77 18.64
N PRO B 62 -12.19 -28.71 19.53
CA PRO B 62 -11.48 -29.99 19.49
C PRO B 62 -11.58 -30.64 18.12
N LEU B 63 -12.76 -30.58 17.49
CA LEU B 63 -12.93 -31.22 16.19
C LEU B 63 -12.00 -30.63 15.14
N HIS B 64 -11.92 -29.31 15.10
CA HIS B 64 -10.99 -28.63 14.18
C HIS B 64 -9.57 -29.14 14.36
N ASN B 65 -9.05 -29.03 15.59
CA ASN B 65 -7.73 -29.55 15.90
C ASN B 65 -7.53 -31.00 15.44
N ALA B 66 -8.53 -31.85 15.68
CA ALA B 66 -8.43 -33.25 15.30
C ALA B 66 -8.30 -33.38 13.79
N VAL B 67 -9.07 -32.58 13.06
CA VAL B 67 -9.01 -32.63 11.60
C VAL B 67 -7.66 -32.10 11.13
N GLN B 68 -7.26 -30.95 11.65
CA GLN B 68 -5.98 -30.35 11.27
C GLN B 68 -4.87 -31.40 11.32
N MET B 69 -4.98 -32.33 12.28
CA MET B 69 -3.95 -33.34 12.50
C MET B 69 -4.14 -34.64 11.74
N SER B 70 -5.23 -34.72 10.97
CA SER B 70 -5.54 -35.93 10.22
C SER B 70 -5.66 -37.16 11.10
N ARG B 71 -6.15 -36.95 12.31
CA ARG B 71 -6.47 -38.07 13.17
C ARG B 71 -7.93 -38.45 13.00
N GLU B 72 -8.19 -39.45 12.17
CA GLU B 72 -9.55 -39.87 11.90
C GLU B 72 -10.18 -40.44 13.17
N ASP B 73 -9.40 -41.23 13.89
CA ASP B 73 -9.86 -41.88 15.13
C ASP B 73 -10.35 -40.89 16.18
N ILE B 74 -9.65 -39.77 16.33
CA ILE B 74 -10.02 -38.75 17.32
C ILE B 74 -11.22 -37.96 16.82
N VAL B 75 -11.32 -37.80 15.51
CA VAL B 75 -12.48 -37.15 14.89
C VAL B 75 -13.72 -37.98 15.22
N GLU B 76 -13.62 -39.30 15.02
CA GLU B 76 -14.74 -40.22 15.26
C GLU B 76 -15.20 -40.13 16.71
N LEU B 77 -14.23 -40.21 17.62
CA LEU B 77 -14.50 -40.16 19.04
C LEU B 77 -15.28 -38.90 19.39
N LEU B 78 -14.79 -37.77 18.89
CA LEU B 78 -15.44 -36.47 19.13
C LEU B 78 -16.85 -36.41 18.54
N LEU B 79 -17.00 -37.00 17.37
CA LEU B 79 -18.28 -36.99 16.70
C LEU B 79 -19.31 -37.81 17.48
N ARG B 80 -18.89 -38.97 17.96
CA ARG B 80 -19.76 -39.81 18.80
C ARG B 80 -20.14 -39.13 20.14
N HIS B 81 -19.27 -38.26 20.66
CA HIS B 81 -19.65 -37.52 21.87
C HIS B 81 -20.45 -36.26 21.52
N GLY B 82 -20.89 -36.19 20.26
CA GLY B 82 -21.80 -35.14 19.83
C GLY B 82 -21.19 -33.86 19.29
N ALA B 83 -20.01 -33.98 18.68
CA ALA B 83 -19.36 -32.79 18.12
C ALA B 83 -20.06 -32.37 16.81
N ASP B 84 -20.38 -31.08 16.71
CA ASP B 84 -20.98 -30.50 15.51
C ASP B 84 -19.96 -30.51 14.33
N PRO B 85 -20.29 -31.23 13.24
CA PRO B 85 -19.39 -31.51 12.11
C PRO B 85 -19.28 -30.38 11.11
N VAL B 86 -20.05 -29.32 11.34
CA VAL B 86 -20.09 -28.21 10.39
C VAL B 86 -19.90 -26.89 11.12
N LEU B 87 -19.60 -26.96 12.41
CA LEU B 87 -19.31 -25.76 13.20
C LEU B 87 -18.04 -25.09 12.66
N ARG B 88 -18.15 -23.80 12.34
CA ARG B 88 -17.04 -23.06 11.78
C ARG B 88 -16.23 -22.33 12.84
N LYS B 89 -14.92 -22.15 12.59
CA LYS B 89 -14.11 -21.29 13.45
C LYS B 89 -14.23 -19.82 13.05
N LYS B 90 -13.43 -18.95 13.66
CA LYS B 90 -13.59 -17.51 13.42
C LYS B 90 -13.38 -17.10 11.96
N ASN B 91 -12.42 -17.72 11.26
CA ASN B 91 -12.20 -17.40 9.84
C ASN B 91 -13.32 -17.91 8.94
N GLY B 92 -14.23 -18.69 9.52
CA GLY B 92 -15.37 -19.19 8.78
C GLY B 92 -15.18 -20.60 8.25
N ALA B 93 -13.94 -21.06 8.23
CA ALA B 93 -13.61 -22.39 7.71
C ALA B 93 -14.31 -23.50 8.49
N THR B 94 -14.80 -24.50 7.76
CA THR B 94 -15.47 -25.65 8.38
C THR B 94 -14.49 -26.81 8.49
N PRO B 95 -14.83 -27.82 9.30
CA PRO B 95 -13.97 -29.01 9.34
C PRO B 95 -13.74 -29.62 7.96
N PHE B 96 -14.75 -29.61 7.10
CA PHE B 96 -14.60 -30.12 5.75
C PHE B 96 -13.43 -29.45 5.03
N ILE B 97 -13.40 -28.14 5.08
CA ILE B 97 -12.33 -27.34 4.49
C ILE B 97 -10.96 -27.71 5.06
N LEU B 98 -10.86 -27.71 6.39
CA LEU B 98 -9.64 -28.07 7.11
C LEU B 98 -9.07 -29.42 6.68
N ALA B 99 -9.96 -30.33 6.28
CA ALA B 99 -9.56 -31.65 5.86
C ALA B 99 -8.89 -31.60 4.48
N ALA B 100 -9.17 -30.54 3.72
CA ALA B 100 -8.52 -30.35 2.43
C ALA B 100 -7.08 -29.89 2.62
N ILE B 101 -6.91 -28.94 3.54
CA ILE B 101 -5.57 -28.48 3.94
C ILE B 101 -4.73 -29.65 4.42
N ALA B 102 -5.40 -30.59 5.08
CA ALA B 102 -4.75 -31.79 5.60
C ALA B 102 -4.60 -32.87 4.52
N GLY B 103 -5.32 -32.72 3.42
CA GLY B 103 -5.24 -33.64 2.30
C GLY B 103 -5.81 -35.01 2.59
N SER B 104 -6.72 -35.08 3.56
CA SER B 104 -7.38 -36.33 3.94
C SER B 104 -8.65 -36.62 3.12
N VAL B 105 -8.57 -37.56 2.20
CA VAL B 105 -9.76 -37.94 1.46
C VAL B 105 -10.83 -38.53 2.39
N LYS B 106 -10.41 -39.42 3.30
CA LYS B 106 -11.35 -40.04 4.23
C LYS B 106 -12.19 -38.99 4.95
N LEU B 107 -11.54 -37.93 5.44
CA LEU B 107 -12.26 -36.89 6.19
C LEU B 107 -13.15 -36.03 5.30
N LEU B 108 -12.77 -35.83 4.05
CA LEU B 108 -13.60 -35.03 3.15
C LEU B 108 -14.85 -35.83 2.83
N LYS B 109 -14.65 -37.11 2.57
CA LYS B 109 -15.73 -38.05 2.31
C LYS B 109 -16.71 -38.04 3.48
N LEU B 110 -16.14 -38.02 4.68
CA LEU B 110 -16.91 -38.03 5.92
C LEU B 110 -17.76 -36.78 6.12
N PHE B 111 -17.16 -35.61 5.94
CA PHE B 111 -17.87 -34.38 6.23
C PHE B 111 -18.86 -34.05 5.14
N LEU B 112 -18.67 -34.65 3.97
CA LEU B 112 -19.67 -34.55 2.93
C LEU B 112 -20.90 -35.35 3.38
N SER B 113 -20.65 -36.57 3.85
CA SER B 113 -21.72 -37.41 4.39
C SER B 113 -22.49 -36.77 5.56
N LYS B 114 -21.91 -35.75 6.19
CA LYS B 114 -22.54 -35.17 7.36
C LYS B 114 -23.07 -33.76 7.10
N GLY B 115 -23.09 -33.35 5.84
CA GLY B 115 -23.78 -32.14 5.47
C GLY B 115 -22.97 -30.98 4.90
N ALA B 116 -21.71 -31.23 4.56
CA ALA B 116 -20.90 -30.16 3.99
C ALA B 116 -21.15 -30.05 2.49
N ASP B 117 -21.10 -28.83 1.97
CA ASP B 117 -21.21 -28.57 0.53
C ASP B 117 -19.81 -28.49 -0.09
N VAL B 118 -19.63 -29.17 -1.23
CA VAL B 118 -18.30 -29.26 -1.82
C VAL B 118 -17.74 -27.89 -2.21
N ASN B 119 -18.63 -26.91 -2.40
CA ASN B 119 -18.19 -25.55 -2.76
C ASN B 119 -18.45 -24.51 -1.69
N GLU B 120 -18.62 -24.96 -0.44
CA GLU B 120 -18.70 -24.04 0.69
C GLU B 120 -17.31 -23.46 0.89
N CYS B 121 -17.27 -22.28 1.50
CA CYS B 121 -16.04 -21.51 1.62
C CYS B 121 -15.99 -20.72 2.94
N ASP B 122 -14.78 -20.46 3.46
CA ASP B 122 -14.66 -19.61 4.65
C ASP B 122 -14.95 -18.15 4.31
N PHE B 123 -14.84 -17.27 5.29
CA PHE B 123 -15.24 -15.88 5.09
C PHE B 123 -14.27 -15.09 4.21
N TYR B 124 -13.25 -15.74 3.69
CA TYR B 124 -12.34 -15.07 2.73
C TYR B 124 -12.45 -15.65 1.32
N GLY B 125 -13.46 -16.50 1.11
CA GLY B 125 -13.75 -17.04 -0.20
C GLY B 125 -13.03 -18.34 -0.51
N PHE B 126 -12.30 -18.84 0.48
CA PHE B 126 -11.51 -20.06 0.32
C PHE B 126 -12.35 -21.34 0.39
N THR B 127 -12.27 -22.14 -0.67
CA THR B 127 -12.99 -23.41 -0.72
C THR B 127 -12.03 -24.56 -0.47
N ALA B 128 -12.57 -25.73 -0.17
CA ALA B 128 -11.77 -26.93 -0.02
C ALA B 128 -10.87 -27.14 -1.23
N PHE B 129 -11.43 -26.98 -2.43
CA PHE B 129 -10.65 -27.16 -3.65
C PHE B 129 -9.47 -26.20 -3.66
N MET B 130 -9.72 -24.96 -3.25
CA MET B 130 -8.65 -23.97 -3.22
C MET B 130 -7.56 -24.38 -2.24
N GLU B 131 -7.96 -24.73 -1.02
CA GLU B 131 -7.01 -25.14 0.00
C GLU B 131 -6.15 -26.31 -0.47
N ALA B 132 -6.77 -27.31 -1.08
CA ALA B 132 -6.04 -28.46 -1.61
C ALA B 132 -4.95 -28.05 -2.61
N ALA B 133 -5.21 -27.02 -3.40
CA ALA B 133 -4.25 -26.54 -4.40
C ALA B 133 -3.11 -25.73 -3.78
N VAL B 134 -3.47 -24.85 -2.86
CA VAL B 134 -2.52 -24.15 -1.99
C VAL B 134 -1.56 -25.10 -1.26
N TYR B 135 -2.09 -26.16 -0.66
CA TYR B 135 -1.25 -27.10 0.10
C TYR B 135 -0.74 -28.30 -0.71
N GLY B 136 -0.90 -28.26 -2.03
CA GLY B 136 -0.32 -29.26 -2.90
C GLY B 136 -0.86 -30.65 -2.63
N LYS B 137 -2.08 -30.72 -2.11
CA LYS B 137 -2.74 -31.98 -1.80
C LYS B 137 -3.43 -32.51 -3.04
N VAL B 138 -2.74 -33.37 -3.79
CA VAL B 138 -3.25 -33.92 -5.05
C VAL B 138 -4.47 -34.82 -4.94
N LYS B 139 -4.36 -35.88 -4.15
CA LYS B 139 -5.47 -36.82 -4.02
C LYS B 139 -6.74 -36.11 -3.61
N ALA B 140 -6.62 -35.19 -2.64
CA ALA B 140 -7.77 -34.39 -2.22
C ALA B 140 -8.31 -33.55 -3.37
N LEU B 141 -7.42 -33.01 -4.18
CA LEU B 141 -7.85 -32.20 -5.31
C LEU B 141 -8.71 -33.05 -6.25
N LYS B 142 -8.17 -34.19 -6.67
CA LYS B 142 -8.91 -35.08 -7.56
C LYS B 142 -10.22 -35.55 -6.95
N PHE B 143 -10.22 -35.82 -5.65
CA PHE B 143 -11.45 -36.23 -4.99
C PHE B 143 -12.51 -35.15 -5.07
N LEU B 144 -12.15 -33.94 -4.64
CA LEU B 144 -13.05 -32.80 -4.69
C LEU B 144 -13.54 -32.46 -6.10
N TYR B 145 -12.66 -32.64 -7.09
CA TYR B 145 -13.06 -32.39 -8.47
C TYR B 145 -14.21 -33.33 -8.82
N LYS B 146 -13.94 -34.63 -8.69
CA LYS B 146 -14.91 -35.69 -9.02
C LYS B 146 -16.19 -35.71 -8.14
N ARG B 147 -16.27 -34.77 -7.19
CA ARG B 147 -17.43 -34.62 -6.32
C ARG B 147 -18.07 -33.27 -6.56
N GLY B 148 -17.65 -32.62 -7.65
CA GLY B 148 -18.31 -31.42 -8.13
C GLY B 148 -17.73 -30.09 -7.71
N ALA B 149 -16.47 -30.09 -7.30
CA ALA B 149 -15.81 -28.84 -6.96
C ALA B 149 -15.77 -27.91 -8.18
N ASN B 150 -16.22 -26.68 -7.99
CA ASN B 150 -16.10 -25.66 -9.03
C ASN B 150 -14.67 -25.17 -9.16
N VAL B 151 -13.95 -25.67 -10.17
CA VAL B 151 -12.52 -25.39 -10.36
C VAL B 151 -12.15 -23.91 -10.57
N ASN B 152 -13.00 -23.16 -11.27
CA ASN B 152 -12.65 -21.78 -11.60
C ASN B 152 -13.26 -20.69 -10.72
N LEU B 153 -13.77 -21.07 -9.55
CA LEU B 153 -14.28 -20.09 -8.58
C LEU B 153 -13.23 -19.02 -8.25
N ARG B 154 -13.72 -17.79 -8.10
CA ARG B 154 -12.85 -16.67 -7.76
C ARG B 154 -13.20 -16.16 -6.38
N ARG B 155 -12.21 -16.12 -5.50
CA ARG B 155 -12.47 -15.86 -4.10
C ARG B 155 -13.29 -14.60 -3.85
N ARG B 165 -8.08 -3.63 -3.06
CA ARG B 165 -8.46 -4.39 -4.25
C ARG B 165 -8.23 -5.90 -4.12
N LYS B 166 -7.76 -6.35 -2.95
CA LYS B 166 -7.45 -7.76 -2.71
C LYS B 166 -8.56 -8.72 -3.15
N GLY B 167 -8.20 -10.00 -3.29
CA GLY B 167 -9.17 -11.05 -3.52
C GLY B 167 -9.52 -11.30 -4.98
N GLY B 168 -10.40 -12.27 -5.21
CA GLY B 168 -10.72 -12.69 -6.55
C GLY B 168 -9.76 -13.74 -7.11
N ALA B 169 -8.82 -14.19 -6.31
CA ALA B 169 -7.90 -15.25 -6.72
C ALA B 169 -8.59 -16.60 -7.03
N THR B 170 -7.91 -17.47 -7.77
CA THR B 170 -8.45 -18.79 -8.09
C THR B 170 -7.45 -19.87 -7.75
N ALA B 171 -7.95 -21.10 -7.59
CA ALA B 171 -7.11 -22.21 -7.20
C ALA B 171 -5.88 -22.33 -8.10
N LEU B 172 -6.03 -22.07 -9.40
CA LEU B 172 -4.90 -22.17 -10.31
C LEU B 172 -3.80 -21.20 -9.87
N MET B 173 -4.18 -19.96 -9.56
CA MET B 173 -3.21 -18.94 -9.15
C MET B 173 -2.46 -19.40 -7.91
N ASP B 174 -3.20 -19.87 -6.90
CA ASP B 174 -2.63 -20.37 -5.66
C ASP B 174 -1.54 -21.42 -5.92
N ALA B 175 -1.87 -22.42 -6.72
CA ALA B 175 -0.91 -23.45 -7.07
C ALA B 175 0.33 -22.86 -7.74
N ALA B 176 0.14 -21.73 -8.43
CA ALA B 176 1.23 -21.11 -9.18
C ALA B 176 2.19 -20.36 -8.24
N GLU B 177 1.62 -19.65 -7.28
CA GLU B 177 2.39 -18.92 -6.27
C GLU B 177 3.17 -19.83 -5.31
N LYS B 178 2.62 -21.00 -4.97
CA LYS B 178 3.31 -21.95 -4.10
C LYS B 178 4.21 -22.94 -4.87
N GLY B 179 4.19 -22.85 -6.20
CA GLY B 179 5.05 -23.64 -7.05
C GLY B 179 4.82 -25.15 -7.05
N HIS B 180 3.56 -25.57 -7.07
CA HIS B 180 3.23 -26.98 -7.15
C HIS B 180 3.02 -27.39 -8.59
N VAL B 181 4.05 -27.97 -9.18
CA VAL B 181 4.02 -28.27 -10.60
C VAL B 181 3.02 -29.39 -10.90
N GLU B 182 3.05 -30.43 -10.08
CA GLU B 182 2.14 -31.55 -10.25
C GLU B 182 0.69 -31.07 -10.28
N VAL B 183 0.33 -30.24 -9.31
CA VAL B 183 -1.01 -29.70 -9.21
C VAL B 183 -1.38 -28.81 -10.40
N LEU B 184 -0.46 -27.93 -10.80
CA LEU B 184 -0.73 -27.04 -11.94
C LEU B 184 -1.03 -27.84 -13.22
N LYS B 185 -0.19 -28.81 -13.55
CA LYS B 185 -0.46 -29.72 -14.67
C LYS B 185 -1.89 -30.27 -14.61
N ILE B 186 -2.28 -30.81 -13.46
CA ILE B 186 -3.61 -31.40 -13.30
C ILE B 186 -4.74 -30.39 -13.51
N LEU B 187 -4.62 -29.19 -12.94
CA LEU B 187 -5.67 -28.18 -13.09
C LEU B 187 -5.84 -27.75 -14.54
N LEU B 188 -4.72 -27.62 -15.24
CA LEU B 188 -4.75 -27.12 -16.62
C LEU B 188 -5.17 -28.21 -17.62
N ASP B 189 -4.64 -29.40 -17.46
CA ASP B 189 -4.91 -30.50 -18.38
C ASP B 189 -6.16 -31.31 -18.04
N GLU B 190 -6.31 -31.71 -16.79
CA GLU B 190 -7.34 -32.66 -16.41
C GLU B 190 -8.65 -32.05 -15.91
N MET B 191 -8.58 -30.84 -15.33
CA MET B 191 -9.72 -30.27 -14.61
C MET B 191 -10.27 -28.98 -15.22
N GLY B 192 -9.77 -28.63 -16.41
CA GLY B 192 -10.28 -27.47 -17.11
C GLY B 192 -10.15 -26.15 -16.37
N ALA B 193 -9.02 -25.93 -15.71
CA ALA B 193 -8.78 -24.63 -15.09
C ALA B 193 -8.57 -23.60 -16.21
N ASP B 194 -9.06 -22.38 -15.98
CA ASP B 194 -8.93 -21.29 -16.94
C ASP B 194 -7.65 -20.46 -16.78
N VAL B 195 -6.62 -20.81 -17.54
CA VAL B 195 -5.29 -20.23 -17.38
C VAL B 195 -5.23 -18.70 -17.27
N ASN B 196 -6.15 -18.02 -17.94
CA ASN B 196 -6.12 -16.56 -17.98
C ASN B 196 -7.12 -15.80 -17.10
N ALA B 197 -7.65 -16.46 -16.08
CA ALA B 197 -8.45 -15.77 -15.08
C ALA B 197 -7.61 -14.71 -14.36
N CYS B 198 -8.25 -13.62 -13.95
CA CYS B 198 -7.57 -12.54 -13.25
C CYS B 198 -8.25 -12.20 -11.93
N ASP B 199 -7.46 -11.94 -10.89
CA ASP B 199 -8.00 -11.47 -9.63
C ASP B 199 -8.42 -10.01 -9.74
N ASN B 200 -8.81 -9.42 -8.62
CA ASN B 200 -9.34 -8.07 -8.62
C ASN B 200 -8.27 -6.98 -8.80
N MET B 201 -7.00 -7.38 -8.78
CA MET B 201 -5.91 -6.46 -9.14
C MET B 201 -5.40 -6.75 -10.54
N GLY B 202 -6.15 -7.57 -11.28
CA GLY B 202 -5.83 -7.86 -12.67
C GLY B 202 -4.60 -8.73 -12.87
N ARG B 203 -4.19 -9.45 -11.83
CA ARG B 203 -3.07 -10.39 -11.93
C ARG B 203 -3.58 -11.78 -12.30
N ASN B 204 -2.83 -12.48 -13.15
CA ASN B 204 -3.22 -13.84 -13.52
C ASN B 204 -2.26 -14.89 -12.96
N ALA B 205 -2.51 -16.15 -13.26
CA ALA B 205 -1.67 -17.22 -12.74
C ALA B 205 -0.18 -16.98 -13.03
N LEU B 206 0.13 -16.33 -14.14
CA LEU B 206 1.52 -16.10 -14.52
C LEU B 206 2.14 -15.05 -13.60
N ILE B 207 1.44 -13.93 -13.44
CA ILE B 207 1.91 -12.87 -12.56
C ILE B 207 2.13 -13.38 -11.14
N HIS B 208 1.21 -14.21 -10.65
CA HIS B 208 1.33 -14.72 -9.28
C HIS B 208 2.55 -15.60 -9.12
N ALA B 209 2.87 -16.36 -10.17
CA ALA B 209 4.00 -17.27 -10.10
C ALA B 209 5.29 -16.49 -9.93
N LEU B 210 5.37 -15.34 -10.62
CA LEU B 210 6.56 -14.49 -10.61
C LEU B 210 6.65 -13.58 -9.39
N LEU B 211 5.51 -13.33 -8.74
CA LEU B 211 5.50 -12.54 -7.52
C LEU B 211 5.90 -13.35 -6.28
N SER B 212 5.77 -14.67 -6.34
CA SER B 212 5.94 -15.51 -5.15
C SER B 212 7.35 -15.45 -4.57
N SER B 213 7.49 -15.93 -3.35
CA SER B 213 8.78 -15.97 -2.68
C SER B 213 9.65 -17.10 -3.26
N ASP B 214 9.01 -18.07 -3.89
CA ASP B 214 9.69 -19.29 -4.34
C ASP B 214 10.24 -19.32 -5.76
N ASP B 215 11.48 -18.86 -5.92
CA ASP B 215 12.21 -18.98 -7.17
C ASP B 215 12.56 -20.45 -7.42
N SER B 216 11.95 -21.33 -6.64
CA SER B 216 12.27 -22.75 -6.67
C SER B 216 11.86 -23.41 -7.97
N ASP B 217 10.56 -23.40 -8.23
CA ASP B 217 10.03 -24.06 -9.41
C ASP B 217 9.42 -23.04 -10.38
N VAL B 218 9.74 -21.77 -10.17
CA VAL B 218 9.18 -20.67 -10.97
C VAL B 218 9.39 -20.85 -12.48
N GLU B 219 10.50 -21.48 -12.85
CA GLU B 219 10.75 -21.73 -14.26
C GLU B 219 9.72 -22.69 -14.85
N ALA B 220 9.48 -23.80 -14.16
CA ALA B 220 8.50 -24.78 -14.63
C ALA B 220 7.10 -24.18 -14.69
N ILE B 221 6.71 -23.52 -13.62
CA ILE B 221 5.39 -22.88 -13.54
C ILE B 221 5.19 -21.90 -14.70
N THR B 222 6.24 -21.15 -15.01
CA THR B 222 6.17 -20.14 -16.07
C THR B 222 6.09 -20.77 -17.46
N HIS B 223 6.92 -21.78 -17.69
CA HIS B 223 6.85 -22.55 -18.93
C HIS B 223 5.46 -23.18 -19.07
N LEU B 224 5.06 -23.97 -18.08
CA LEU B 224 3.75 -24.59 -18.08
C LEU B 224 2.65 -23.62 -18.47
N LEU B 225 2.53 -22.53 -17.72
CA LEU B 225 1.49 -21.53 -17.98
C LEU B 225 1.54 -20.96 -19.40
N LEU B 226 2.76 -20.74 -19.91
CA LEU B 226 2.88 -20.16 -21.23
C LEU B 226 2.45 -21.12 -22.34
N ASP B 227 2.74 -22.41 -22.18
CA ASP B 227 2.27 -23.42 -23.12
C ASP B 227 0.75 -23.47 -23.17
N HIS B 228 0.12 -23.38 -22.01
CA HIS B 228 -1.34 -23.43 -21.92
C HIS B 228 -1.98 -22.08 -22.26
N GLY B 229 -1.20 -21.26 -22.96
CA GLY B 229 -1.69 -20.02 -23.51
C GLY B 229 -1.87 -18.85 -22.56
N ALA B 230 -1.02 -18.74 -21.56
CA ALA B 230 -1.12 -17.63 -20.61
C ALA B 230 -0.77 -16.31 -21.31
N ASP B 231 -1.49 -15.26 -20.95
CA ASP B 231 -1.31 -13.93 -21.55
C ASP B 231 -0.07 -13.22 -20.99
N VAL B 232 1.02 -13.18 -21.78
CA VAL B 232 2.27 -12.54 -21.34
C VAL B 232 2.19 -11.02 -21.16
N ASN B 233 1.05 -10.43 -21.47
CA ASN B 233 0.92 -8.98 -21.44
C ASN B 233 -0.18 -8.46 -20.50
N VAL B 234 -0.07 -8.81 -19.22
CA VAL B 234 -1.07 -8.37 -18.26
C VAL B 234 -0.48 -7.27 -17.37
N ARG B 235 -1.31 -6.28 -17.03
CA ARG B 235 -0.90 -5.24 -16.10
C ARG B 235 -1.16 -5.68 -14.65
N GLY B 236 -0.09 -5.78 -13.87
CA GLY B 236 -0.19 -6.18 -12.48
C GLY B 236 -0.46 -5.03 -11.53
N GLU B 237 0.18 -5.09 -10.37
CA GLU B 237 -0.08 -4.14 -9.30
C GLU B 237 0.27 -2.72 -9.67
N ARG B 238 1.40 -2.56 -10.37
CA ARG B 238 1.86 -1.23 -10.75
C ARG B 238 2.38 -1.24 -12.16
N GLY B 239 1.51 -1.58 -13.11
CA GLY B 239 1.89 -1.68 -14.51
C GLY B 239 2.84 -2.84 -14.76
N LYS B 240 3.32 -3.42 -13.65
CA LYS B 240 4.32 -4.49 -13.70
C LYS B 240 3.87 -5.66 -14.59
N THR B 241 4.48 -5.79 -15.76
CA THR B 241 4.18 -6.92 -16.64
C THR B 241 5.03 -8.12 -16.23
N PRO B 242 4.73 -9.30 -16.78
CA PRO B 242 5.58 -10.47 -16.54
C PRO B 242 7.04 -10.25 -16.98
N LEU B 243 7.25 -9.50 -18.06
CA LEU B 243 8.61 -9.22 -18.51
C LEU B 243 9.36 -8.43 -17.44
N ILE B 244 8.72 -7.37 -16.94
CA ILE B 244 9.33 -6.48 -15.94
C ILE B 244 9.63 -7.20 -14.63
N LEU B 245 8.77 -8.14 -14.26
CA LEU B 245 9.01 -8.94 -13.08
C LEU B 245 10.18 -9.88 -13.32
N ALA B 246 10.24 -10.45 -14.51
CA ALA B 246 11.32 -11.36 -14.86
C ALA B 246 12.65 -10.64 -14.76
N VAL B 247 12.64 -9.36 -15.12
CA VAL B 247 13.84 -8.53 -15.09
C VAL B 247 14.18 -8.10 -13.67
N GLU B 248 13.18 -7.66 -12.91
CA GLU B 248 13.39 -7.22 -11.53
C GLU B 248 13.89 -8.39 -10.69
N LYS B 249 13.44 -9.59 -11.02
CA LYS B 249 13.91 -10.81 -10.39
C LYS B 249 15.36 -11.10 -10.78
N LYS B 250 15.84 -10.40 -11.81
CA LYS B 250 17.20 -10.60 -12.27
C LYS B 250 17.41 -12.01 -12.77
N HIS B 251 16.36 -12.61 -13.34
CA HIS B 251 16.40 -14.00 -13.78
C HIS B 251 16.59 -14.06 -15.28
N LEU B 252 17.68 -14.66 -15.73
CA LEU B 252 17.95 -14.69 -17.16
C LEU B 252 17.06 -15.70 -17.85
N GLY B 253 16.80 -16.82 -17.18
CA GLY B 253 15.97 -17.88 -17.72
C GLY B 253 14.52 -17.47 -17.99
N LEU B 254 13.94 -16.76 -17.03
CA LEU B 254 12.57 -16.25 -17.19
C LEU B 254 12.47 -15.24 -18.32
N VAL B 255 13.41 -14.31 -18.39
CA VAL B 255 13.43 -13.33 -19.47
C VAL B 255 13.60 -14.04 -20.81
N GLN B 256 14.43 -15.09 -20.80
CA GLN B 256 14.73 -15.86 -21.99
C GLN B 256 13.48 -16.57 -22.50
N ARG B 257 12.81 -17.29 -21.60
CA ARG B 257 11.58 -18.00 -21.93
C ARG B 257 10.42 -17.04 -22.25
N LEU B 258 10.31 -15.95 -21.50
CA LEU B 258 9.26 -14.95 -21.74
C LEU B 258 9.38 -14.28 -23.10
N LEU B 259 10.60 -14.22 -23.62
CA LEU B 259 10.87 -13.52 -24.88
C LEU B 259 10.63 -14.38 -26.13
N GLU B 260 10.55 -15.69 -25.94
CA GLU B 260 10.19 -16.60 -27.02
C GLU B 260 8.70 -16.52 -27.32
N GLN B 261 7.98 -15.73 -26.54
CA GLN B 261 6.57 -15.45 -26.81
C GLN B 261 6.49 -14.46 -27.96
N GLU B 262 5.92 -14.89 -29.07
CA GLU B 262 5.97 -14.14 -30.32
C GLU B 262 5.34 -12.75 -30.27
N HIS B 263 4.34 -12.56 -29.40
CA HIS B 263 3.62 -11.29 -29.36
C HIS B 263 3.66 -10.61 -28.00
N ILE B 264 4.84 -10.56 -27.40
CA ILE B 264 5.03 -9.87 -26.12
C ILE B 264 5.39 -8.40 -26.37
N GLU B 265 4.65 -7.49 -25.74
CA GLU B 265 4.91 -6.06 -25.86
C GLU B 265 6.20 -5.64 -25.14
N ILE B 266 7.35 -5.92 -25.78
CA ILE B 266 8.67 -5.69 -25.20
C ILE B 266 8.76 -4.33 -24.53
N ASN B 267 8.24 -3.32 -25.22
CA ASN B 267 8.36 -1.93 -24.78
C ASN B 267 7.23 -1.44 -23.88
N ASP B 268 6.44 -2.36 -23.33
CA ASP B 268 5.41 -1.96 -22.40
C ASP B 268 6.07 -1.27 -21.20
N THR B 269 5.38 -0.31 -20.61
CA THR B 269 5.94 0.49 -19.54
C THR B 269 5.21 0.26 -18.22
N ASP B 270 5.96 0.20 -17.13
CA ASP B 270 5.37 0.02 -15.81
C ASP B 270 4.66 1.27 -15.31
N SER B 271 4.38 1.30 -14.01
CA SER B 271 3.70 2.41 -13.37
C SER B 271 4.53 3.69 -13.45
N ASP B 272 5.84 3.55 -13.25
CA ASP B 272 6.76 4.68 -13.23
C ASP B 272 7.24 5.12 -14.63
N GLY B 273 6.80 4.44 -15.68
CA GLY B 273 7.23 4.78 -17.02
C GLY B 273 8.45 3.99 -17.45
N LYS B 274 9.12 3.38 -16.48
CA LYS B 274 10.26 2.51 -16.75
C LYS B 274 9.81 1.37 -17.66
N THR B 275 10.75 0.74 -18.36
CA THR B 275 10.42 -0.41 -19.20
C THR B 275 11.33 -1.57 -18.87
N ALA B 276 11.12 -2.70 -19.55
CA ALA B 276 11.91 -3.89 -19.29
C ALA B 276 13.39 -3.60 -19.51
N LEU B 277 13.71 -2.84 -20.55
CA LEU B 277 15.10 -2.47 -20.83
C LEU B 277 15.69 -1.44 -19.86
N LEU B 278 14.91 -0.41 -19.52
CA LEU B 278 15.37 0.62 -18.58
C LEU B 278 15.73 0.02 -17.22
N LEU B 279 14.85 -0.82 -16.71
CA LEU B 279 15.10 -1.48 -15.43
C LEU B 279 16.26 -2.46 -15.53
N ALA B 280 16.40 -3.11 -16.68
CA ALA B 280 17.54 -4.01 -16.90
C ALA B 280 18.84 -3.25 -16.71
N VAL B 281 18.87 -2.01 -17.19
CA VAL B 281 20.06 -1.17 -17.13
C VAL B 281 20.25 -0.50 -15.77
N GLU B 282 19.17 -0.03 -15.17
CA GLU B 282 19.25 0.52 -13.82
C GLU B 282 19.84 -0.51 -12.87
N LEU B 283 19.46 -1.77 -13.08
CA LEU B 283 19.92 -2.87 -12.22
C LEU B 283 21.23 -3.49 -12.70
N LYS B 284 21.86 -2.92 -13.72
CA LYS B 284 23.16 -3.40 -14.21
C LYS B 284 23.15 -4.86 -14.68
N LEU B 285 22.03 -5.29 -15.27
CA LEU B 285 21.94 -6.65 -15.80
C LEU B 285 22.53 -6.68 -17.20
N LYS B 286 23.79 -7.08 -17.31
CA LYS B 286 24.48 -7.00 -18.60
C LYS B 286 23.87 -7.93 -19.65
N LYS B 287 23.66 -9.19 -19.29
CA LYS B 287 23.11 -10.16 -20.23
C LYS B 287 21.64 -9.94 -20.56
N ILE B 288 20.85 -9.55 -19.55
CA ILE B 288 19.44 -9.27 -19.75
C ILE B 288 19.20 -8.03 -20.65
N ALA B 289 19.99 -6.98 -20.43
CA ALA B 289 19.90 -5.78 -21.25
C ALA B 289 20.32 -6.07 -22.68
N GLU B 290 21.38 -6.86 -22.83
CA GLU B 290 21.89 -7.25 -24.14
C GLU B 290 20.86 -8.11 -24.88
N LEU B 291 20.26 -9.04 -24.14
CA LEU B 291 19.23 -9.92 -24.72
C LEU B 291 17.97 -9.15 -25.11
N LEU B 292 17.59 -8.18 -24.30
CA LEU B 292 16.43 -7.33 -24.59
C LEU B 292 16.66 -6.46 -25.83
N CYS B 293 17.89 -5.98 -25.98
CA CYS B 293 18.21 -5.05 -27.06
C CYS B 293 18.12 -5.71 -28.42
N LYS B 294 18.25 -7.03 -28.46
CA LYS B 294 18.04 -7.76 -29.69
C LYS B 294 16.54 -7.77 -30.07
N ARG B 295 15.80 -6.82 -29.51
CA ARG B 295 14.43 -6.46 -29.94
C ARG B 295 13.95 -5.08 -29.41
N GLY B 296 14.37 -4.72 -28.20
CA GLY B 296 13.82 -3.56 -27.50
C GLY B 296 14.12 -2.18 -28.06
N ALA B 297 13.20 -1.23 -27.84
CA ALA B 297 13.37 0.14 -28.30
C ALA B 297 14.17 0.98 -27.33
N SER B 298 15.30 1.50 -27.80
CA SER B 298 16.16 2.36 -27.01
C SER B 298 15.87 3.84 -27.25
N THR B 299 14.85 4.12 -28.04
CA THR B 299 14.45 5.50 -28.29
C THR B 299 13.43 5.97 -27.26
N GLY B 302 15.06 6.24 -23.49
CA GLY B 302 15.96 7.26 -23.98
C GLY B 302 17.16 7.51 -23.09
N ASP B 303 16.92 7.84 -21.83
CA ASP B 303 17.98 8.12 -20.87
C ASP B 303 18.71 6.83 -20.44
N LEU B 304 18.68 5.84 -21.32
CA LEU B 304 19.37 4.57 -21.09
C LEU B 304 20.86 4.77 -20.85
N VAL B 305 21.54 5.28 -21.86
CA VAL B 305 22.98 5.48 -21.80
C VAL B 305 23.39 6.33 -20.60
N MET B 306 22.60 7.37 -20.30
CA MET B 306 22.88 8.21 -19.15
C MET B 306 22.77 7.43 -17.84
N THR B 307 21.93 6.41 -17.82
CA THR B 307 21.76 5.56 -16.65
C THR B 307 22.95 4.62 -16.48
N ALA B 308 23.42 4.08 -17.60
CA ALA B 308 24.57 3.21 -17.59
C ALA B 308 25.81 4.00 -17.20
N ARG B 309 25.84 5.26 -17.61
CA ARG B 309 26.93 6.15 -17.23
C ARG B 309 26.92 6.44 -15.73
N ARG B 310 25.76 6.79 -15.18
CA ARG B 310 25.62 6.98 -13.73
C ARG B 310 26.04 5.72 -12.96
N ASN B 311 25.93 4.57 -13.61
CA ASN B 311 26.26 3.27 -13.03
C ASN B 311 27.74 2.95 -13.15
N TYR B 312 28.45 3.76 -13.94
CA TYR B 312 29.88 3.53 -14.22
C TYR B 312 30.10 2.24 -15.00
N ASP B 313 29.11 1.87 -15.81
CA ASP B 313 29.08 0.59 -16.53
C ASP B 313 29.42 0.81 -18.00
N HIS B 314 30.70 0.80 -18.34
CA HIS B 314 31.09 1.12 -19.72
C HIS B 314 30.99 -0.07 -20.68
N SER B 315 30.96 -1.28 -20.14
CA SER B 315 30.67 -2.44 -20.96
C SER B 315 29.22 -2.29 -21.49
N LEU B 316 28.34 -1.79 -20.63
CA LEU B 316 26.91 -1.62 -20.96
C LEU B 316 26.63 -0.35 -21.78
N VAL B 317 27.43 0.69 -21.59
CA VAL B 317 27.27 1.91 -22.37
C VAL B 317 27.56 1.60 -23.82
N LYS B 318 28.51 0.69 -24.04
CA LYS B 318 28.88 0.24 -25.37
C LYS B 318 27.78 -0.59 -26.04
N VAL B 319 27.15 -1.48 -25.28
CA VAL B 319 26.06 -2.29 -25.80
C VAL B 319 24.89 -1.42 -26.24
N LEU B 320 24.46 -0.52 -25.36
CA LEU B 320 23.34 0.39 -25.65
C LEU B 320 23.50 1.19 -26.95
N LEU B 321 24.69 1.74 -27.16
CA LEU B 321 24.95 2.59 -28.32
C LEU B 321 24.92 1.81 -29.64
N SER B 322 25.40 0.57 -29.61
CA SER B 322 25.37 -0.30 -30.78
C SER B 322 23.94 -0.59 -31.21
N HIS B 323 22.98 -0.31 -30.33
CA HIS B 323 21.57 -0.47 -30.68
C HIS B 323 20.88 0.90 -30.76
N GLY B 324 21.69 1.93 -30.97
CA GLY B 324 21.22 3.27 -31.24
C GLY B 324 20.44 3.92 -30.12
N ALA B 325 21.15 4.41 -29.11
CA ALA B 325 20.50 5.10 -28.01
C ALA B 325 20.79 6.59 -28.09
N SER C 15 -39.01 -12.05 -44.28
CA SER C 15 -39.42 -11.37 -43.06
C SER C 15 -38.26 -11.09 -42.09
N SER C 16 -37.05 -11.53 -42.46
CA SER C 16 -35.83 -11.18 -41.69
C SER C 16 -35.59 -9.68 -41.76
N SER C 17 -36.09 -9.06 -42.83
CA SER C 17 -36.07 -7.62 -42.94
C SER C 17 -37.25 -7.04 -42.19
N GLY C 18 -38.31 -7.85 -42.07
CA GLY C 18 -39.49 -7.46 -41.30
C GLY C 18 -39.28 -7.65 -39.81
N ARG C 19 -38.57 -8.72 -39.45
CA ARG C 19 -38.25 -8.98 -38.06
C ARG C 19 -37.41 -7.84 -37.50
N ARG C 20 -36.50 -7.31 -38.32
CA ARG C 20 -35.67 -6.19 -37.88
C ARG C 20 -36.47 -4.89 -37.86
N ALA C 21 -37.35 -4.74 -38.85
CA ALA C 21 -38.16 -3.54 -38.95
C ALA C 21 -39.11 -3.46 -37.77
N ALA C 22 -39.68 -4.59 -37.40
CA ALA C 22 -40.63 -4.64 -36.28
C ALA C 22 -39.95 -4.38 -34.95
N VAL C 23 -38.79 -5.00 -34.73
CA VAL C 23 -38.04 -4.80 -33.50
C VAL C 23 -37.74 -3.32 -33.30
N GLU C 24 -37.58 -2.59 -34.41
CA GLU C 24 -37.42 -1.15 -34.31
C GLU C 24 -38.70 -0.49 -33.77
N ASP C 25 -39.86 -0.91 -34.29
CA ASP C 25 -41.15 -0.38 -33.85
C ASP C 25 -41.31 -0.63 -32.36
N ASN C 26 -40.89 -1.81 -31.93
CA ASN C 26 -40.94 -2.16 -30.51
C ASN C 26 -40.11 -1.19 -29.68
N HIS C 27 -38.82 -1.10 -29.96
CA HIS C 27 -37.95 -0.13 -29.28
C HIS C 27 -38.52 1.29 -29.32
N LEU C 28 -39.28 1.58 -30.37
CA LEU C 28 -39.83 2.90 -30.52
C LEU C 28 -40.99 3.06 -29.54
N LEU C 29 -41.75 1.99 -29.36
CA LEU C 29 -42.86 1.96 -28.39
C LEU C 29 -42.34 2.26 -26.99
N ILE C 30 -41.27 1.56 -26.59
CA ILE C 30 -40.58 1.90 -25.37
C ILE C 30 -40.19 3.38 -25.33
N LYS C 31 -39.41 3.83 -26.31
CA LYS C 31 -38.98 5.23 -26.33
C LYS C 31 -40.17 6.18 -26.27
N ALA C 32 -41.26 5.82 -26.96
CA ALA C 32 -42.44 6.66 -26.99
C ALA C 32 -42.99 6.79 -25.58
N VAL C 33 -43.01 5.68 -24.85
CA VAL C 33 -43.46 5.71 -23.46
C VAL C 33 -42.54 6.60 -22.62
N GLN C 34 -41.23 6.40 -22.74
CA GLN C 34 -40.24 7.20 -22.03
C GLN C 34 -40.42 8.70 -22.29
N ASN C 35 -40.80 9.05 -23.51
CA ASN C 35 -41.01 10.46 -23.85
C ASN C 35 -42.40 10.96 -23.49
N GLU C 36 -43.21 10.06 -22.92
CA GLU C 36 -44.57 10.43 -22.51
C GLU C 36 -45.42 10.92 -23.69
N ASP C 37 -45.17 10.30 -24.85
CA ASP C 37 -45.90 10.59 -26.08
C ASP C 37 -47.10 9.67 -26.19
N VAL C 38 -48.19 10.03 -25.50
CA VAL C 38 -49.36 9.16 -25.46
C VAL C 38 -49.85 8.77 -26.86
N ASP C 39 -50.02 9.77 -27.71
CA ASP C 39 -50.52 9.55 -29.06
C ASP C 39 -49.64 8.57 -29.84
N LEU C 40 -48.32 8.67 -29.65
CA LEU C 40 -47.38 7.82 -30.39
C LEU C 40 -47.44 6.38 -29.87
N VAL C 41 -47.65 6.24 -28.57
CA VAL C 41 -47.81 4.93 -27.96
C VAL C 41 -49.07 4.28 -28.51
N GLN C 42 -50.14 5.06 -28.61
CA GLN C 42 -51.41 4.55 -29.16
C GLN C 42 -51.27 4.11 -30.61
N GLN C 43 -50.54 4.88 -31.41
CA GLN C 43 -50.35 4.55 -32.81
C GLN C 43 -49.57 3.27 -32.94
N LEU C 44 -48.51 3.15 -32.15
CA LEU C 44 -47.60 2.04 -32.24
C LEU C 44 -48.28 0.75 -31.82
N LEU C 45 -49.12 0.86 -30.80
CA LEU C 45 -49.85 -0.29 -30.28
C LEU C 45 -50.96 -0.73 -31.23
N GLU C 46 -51.76 0.25 -31.67
CA GLU C 46 -52.78 0.01 -32.68
C GLU C 46 -52.12 -0.53 -33.95
N GLY C 47 -50.87 -0.14 -34.17
CA GLY C 47 -50.13 -0.58 -35.32
C GLY C 47 -49.66 -2.03 -35.23
N GLY C 48 -49.65 -2.59 -34.03
CA GLY C 48 -49.30 -3.98 -33.86
C GLY C 48 -47.99 -4.25 -33.14
N ALA C 49 -47.40 -3.21 -32.55
CA ALA C 49 -46.17 -3.38 -31.79
C ALA C 49 -46.38 -4.31 -30.60
N ASN C 50 -45.37 -5.09 -30.28
CA ASN C 50 -45.43 -6.01 -29.16
C ASN C 50 -45.51 -5.27 -27.82
N VAL C 51 -46.68 -5.30 -27.18
CA VAL C 51 -46.88 -4.57 -25.94
C VAL C 51 -46.05 -5.14 -24.79
N ASN C 52 -45.63 -6.41 -24.91
CA ASN C 52 -44.81 -7.06 -23.88
C ASN C 52 -43.36 -7.30 -24.34
N PHE C 53 -42.86 -6.37 -25.15
CA PHE C 53 -41.49 -6.45 -25.62
C PHE C 53 -40.57 -6.12 -24.47
N GLN C 54 -39.49 -6.89 -24.35
CA GLN C 54 -38.47 -6.64 -23.35
C GLN C 54 -37.15 -6.33 -24.02
N GLU C 55 -36.60 -5.16 -23.75
CA GLU C 55 -35.28 -4.81 -24.28
C GLU C 55 -34.19 -5.73 -23.70
N GLU C 56 -33.09 -5.87 -24.44
CA GLU C 56 -32.09 -6.91 -24.15
C GLU C 56 -31.14 -6.54 -23.01
N GLU C 57 -31.07 -5.25 -22.69
CA GLU C 57 -30.22 -4.77 -21.60
C GLU C 57 -30.66 -5.40 -20.27
N GLY C 58 -31.79 -4.94 -19.75
CA GLY C 58 -32.25 -5.35 -18.43
C GLY C 58 -33.65 -5.92 -18.37
N GLY C 59 -34.18 -6.30 -19.52
CA GLY C 59 -35.48 -6.94 -19.59
C GLY C 59 -36.65 -6.00 -19.37
N TRP C 60 -36.44 -4.71 -19.59
CA TRP C 60 -37.52 -3.73 -19.41
C TRP C 60 -38.60 -3.80 -20.48
N THR C 61 -39.84 -3.58 -20.04
CA THR C 61 -40.98 -3.53 -20.95
C THR C 61 -41.54 -2.13 -20.98
N PRO C 62 -42.46 -1.87 -21.91
CA PRO C 62 -43.16 -0.58 -21.87
C PRO C 62 -43.85 -0.39 -20.53
N LEU C 63 -44.47 -1.45 -20.02
CA LEU C 63 -45.21 -1.33 -18.77
C LEU C 63 -44.31 -0.90 -17.62
N HIS C 64 -43.14 -1.53 -17.52
CA HIS C 64 -42.15 -1.15 -16.51
C HIS C 64 -41.84 0.34 -16.59
N ASN C 65 -41.41 0.78 -17.78
CA ASN C 65 -41.13 2.19 -18.01
C ASN C 65 -42.30 3.10 -17.61
N ALA C 66 -43.52 2.71 -17.97
CA ALA C 66 -44.71 3.48 -17.60
C ALA C 66 -44.87 3.58 -16.08
N VAL C 67 -44.64 2.48 -15.37
CA VAL C 67 -44.74 2.50 -13.91
C VAL C 67 -43.63 3.34 -13.31
N GLN C 68 -42.39 3.12 -13.76
CA GLN C 68 -41.25 3.88 -13.24
C GLN C 68 -41.55 5.37 -13.26
N MET C 69 -42.31 5.81 -14.26
CA MET C 69 -42.62 7.22 -14.43
C MET C 69 -43.90 7.70 -13.74
N SER C 70 -44.58 6.78 -13.04
CA SER C 70 -45.84 7.11 -12.38
C SER C 70 -46.89 7.69 -13.31
N ARG C 71 -46.85 7.25 -14.56
CA ARG C 71 -47.91 7.60 -15.50
C ARG C 71 -49.00 6.54 -15.47
N GLU C 72 -50.05 6.79 -14.69
CA GLU C 72 -51.14 5.85 -14.55
C GLU C 72 -51.84 5.68 -15.90
N ASP C 73 -52.04 6.79 -16.59
CA ASP C 73 -52.76 6.81 -17.86
C ASP C 73 -52.09 5.94 -18.91
N ILE C 74 -50.76 5.94 -18.94
CA ILE C 74 -50.01 5.17 -19.92
C ILE C 74 -49.98 3.69 -19.52
N VAL C 75 -50.02 3.44 -18.21
CA VAL C 75 -50.11 2.08 -17.68
C VAL C 75 -51.44 1.48 -18.13
N GLU C 76 -52.53 2.23 -17.96
CA GLU C 76 -53.87 1.79 -18.35
C GLU C 76 -53.94 1.42 -19.83
N LEU C 77 -53.46 2.34 -20.66
CA LEU C 77 -53.43 2.15 -22.09
C LEU C 77 -52.73 0.85 -22.45
N LEU C 78 -51.55 0.64 -21.88
CA LEU C 78 -50.76 -0.57 -22.12
C LEU C 78 -51.49 -1.82 -21.64
N LEU C 79 -52.16 -1.70 -20.50
CA LEU C 79 -52.87 -2.84 -19.94
C LEU C 79 -54.03 -3.23 -20.85
N ARG C 80 -54.79 -2.25 -21.33
CA ARG C 80 -55.87 -2.51 -22.27
C ARG C 80 -55.39 -3.12 -23.59
N HIS C 81 -54.17 -2.81 -24.02
CA HIS C 81 -53.63 -3.46 -25.21
C HIS C 81 -53.00 -4.81 -24.87
N GLY C 82 -53.28 -5.29 -23.66
CA GLY C 82 -52.89 -6.63 -23.25
C GLY C 82 -51.51 -6.80 -22.63
N ALA C 83 -51.04 -5.78 -21.93
CA ALA C 83 -49.73 -5.89 -21.27
C ALA C 83 -49.82 -6.75 -20.02
N ASP C 84 -48.89 -7.70 -19.90
CA ASP C 84 -48.81 -8.58 -18.72
C ASP C 84 -48.40 -7.77 -17.48
N PRO C 85 -49.27 -7.74 -16.45
CA PRO C 85 -49.14 -6.88 -15.26
C PRO C 85 -48.20 -7.45 -14.21
N VAL C 86 -47.68 -8.64 -14.47
CA VAL C 86 -46.83 -9.31 -13.49
C VAL C 86 -45.55 -9.81 -14.14
N LEU C 87 -45.35 -9.44 -15.40
CA LEU C 87 -44.11 -9.76 -16.11
C LEU C 87 -42.92 -9.07 -15.45
N ARG C 88 -41.91 -9.85 -15.10
CA ARG C 88 -40.74 -9.34 -14.40
C ARG C 88 -39.62 -8.97 -15.36
N LYS C 89 -38.81 -7.97 -14.99
CA LYS C 89 -37.58 -7.70 -15.76
C LYS C 89 -36.43 -8.60 -15.31
N LYS C 90 -35.23 -8.33 -15.80
CA LYS C 90 -34.09 -9.21 -15.53
C LYS C 90 -33.72 -9.34 -14.06
N ASN C 91 -33.83 -8.24 -13.30
CA ASN C 91 -33.55 -8.29 -11.86
C ASN C 91 -34.63 -9.03 -11.07
N GLY C 92 -35.73 -9.36 -11.75
CA GLY C 92 -36.81 -10.10 -11.13
C GLY C 92 -37.94 -9.24 -10.63
N ALA C 93 -37.70 -7.93 -10.54
CA ALA C 93 -38.70 -6.99 -10.04
C ALA C 93 -39.95 -6.95 -10.92
N THR C 94 -41.12 -6.90 -10.27
CA THR C 94 -42.39 -6.82 -10.98
C THR C 94 -42.86 -5.38 -11.05
N PRO C 95 -43.83 -5.10 -11.92
CA PRO C 95 -44.37 -3.73 -11.94
C PRO C 95 -44.89 -3.28 -10.57
N PHE C 96 -45.49 -4.20 -9.81
CA PHE C 96 -45.94 -3.87 -8.45
C PHE C 96 -44.80 -3.27 -7.59
N ILE C 97 -43.66 -3.95 -7.61
CA ILE C 97 -42.49 -3.48 -6.91
C ILE C 97 -42.07 -2.08 -7.40
N LEU C 98 -41.92 -1.93 -8.71
CA LEU C 98 -41.53 -0.66 -9.33
C LEU C 98 -42.42 0.51 -8.91
N ALA C 99 -43.66 0.20 -8.62
CA ALA C 99 -44.61 1.23 -8.22
C ALA C 99 -44.32 1.72 -6.80
N ALA C 100 -43.63 0.89 -6.03
CA ALA C 100 -43.23 1.25 -4.66
C ALA C 100 -42.11 2.26 -4.72
N ILE C 101 -41.11 1.96 -5.56
CA ILE C 101 -40.00 2.86 -5.84
C ILE C 101 -40.52 4.22 -6.29
N ALA C 102 -41.60 4.18 -7.05
CA ALA C 102 -42.25 5.39 -7.54
C ALA C 102 -43.16 6.02 -6.49
N GLY C 103 -43.50 5.26 -5.46
CA GLY C 103 -44.34 5.76 -4.38
C GLY C 103 -45.78 5.99 -4.77
N SER C 104 -46.23 5.31 -5.82
CA SER C 104 -47.61 5.43 -6.30
C SER C 104 -48.59 4.47 -5.61
N VAL C 105 -49.42 4.99 -4.73
CA VAL C 105 -50.42 4.14 -4.10
C VAL C 105 -51.40 3.60 -5.13
N LYS C 106 -51.85 4.46 -6.04
CA LYS C 106 -52.81 4.01 -7.06
C LYS C 106 -52.30 2.80 -7.81
N LEU C 107 -51.03 2.81 -8.21
CA LEU C 107 -50.45 1.71 -8.97
C LEU C 107 -50.24 0.44 -8.14
N LEU C 108 -49.97 0.59 -6.85
CA LEU C 108 -49.80 -0.57 -5.98
C LEU C 108 -51.16 -1.24 -5.79
N LYS C 109 -52.18 -0.41 -5.56
CA LYS C 109 -53.54 -0.86 -5.43
C LYS C 109 -53.96 -1.62 -6.68
N LEU C 110 -53.54 -1.10 -7.83
CA LEU C 110 -53.88 -1.69 -9.13
C LEU C 110 -53.24 -3.04 -9.36
N PHE C 111 -51.92 -3.13 -9.14
CA PHE C 111 -51.23 -4.37 -9.40
C PHE C 111 -51.54 -5.46 -8.37
N LEU C 112 -52.05 -5.03 -7.22
CA LEU C 112 -52.59 -5.98 -6.25
C LEU C 112 -53.88 -6.59 -6.82
N SER C 113 -54.76 -5.73 -7.30
CA SER C 113 -55.98 -6.18 -7.97
C SER C 113 -55.73 -7.11 -9.18
N LYS C 114 -54.50 -7.10 -9.71
CA LYS C 114 -54.23 -7.88 -10.92
C LYS C 114 -53.34 -9.10 -10.66
N GLY C 115 -53.10 -9.38 -9.38
CA GLY C 115 -52.47 -10.63 -8.99
C GLY C 115 -51.11 -10.58 -8.33
N ALA C 116 -50.68 -9.41 -7.89
CA ALA C 116 -49.39 -9.30 -7.23
C ALA C 116 -49.55 -9.66 -5.77
N ASP C 117 -48.51 -10.25 -5.19
CA ASP C 117 -48.46 -10.56 -3.76
C ASP C 117 -47.73 -9.45 -3.00
N VAL C 118 -48.31 -8.97 -1.91
CA VAL C 118 -47.72 -7.83 -1.21
C VAL C 118 -46.29 -8.11 -0.71
N ASN C 119 -45.95 -9.39 -0.56
CA ASN C 119 -44.60 -9.75 -0.12
C ASN C 119 -43.75 -10.45 -1.19
N GLU C 120 -44.14 -10.29 -2.45
CA GLU C 120 -43.29 -10.80 -3.54
C GLU C 120 -42.05 -9.92 -3.59
N CYS C 121 -40.97 -10.48 -4.15
CA CYS C 121 -39.67 -9.83 -4.15
C CYS C 121 -38.87 -10.13 -5.42
N ASP C 122 -37.99 -9.21 -5.82
CA ASP C 122 -37.12 -9.48 -6.97
C ASP C 122 -36.05 -10.50 -6.60
N PHE C 123 -35.18 -10.84 -7.54
CA PHE C 123 -34.23 -11.91 -7.31
C PHE C 123 -33.10 -11.55 -6.34
N TYR C 124 -33.17 -10.36 -5.74
CA TYR C 124 -32.20 -9.99 -4.70
C TYR C 124 -32.85 -9.85 -3.32
N GLY C 125 -34.11 -10.27 -3.23
CA GLY C 125 -34.81 -10.30 -1.96
C GLY C 125 -35.57 -9.02 -1.65
N PHE C 126 -35.56 -8.09 -2.61
CA PHE C 126 -36.20 -6.79 -2.45
C PHE C 126 -37.72 -6.82 -2.62
N THR C 127 -38.43 -6.39 -1.59
CA THR C 127 -39.89 -6.34 -1.64
C THR C 127 -40.36 -4.92 -1.85
N ALA C 128 -41.62 -4.76 -2.24
CA ALA C 128 -42.21 -3.43 -2.37
C ALA C 128 -41.99 -2.63 -1.09
N PHE C 129 -42.26 -3.25 0.05
CA PHE C 129 -42.10 -2.56 1.34
C PHE C 129 -40.66 -2.07 1.48
N MET C 130 -39.69 -2.90 1.11
CA MET C 130 -38.30 -2.49 1.21
C MET C 130 -38.03 -1.30 0.31
N GLU C 131 -38.47 -1.39 -0.94
CA GLU C 131 -38.21 -0.32 -1.91
C GLU C 131 -38.78 0.99 -1.41
N ALA C 132 -40.00 0.95 -0.88
CA ALA C 132 -40.63 2.16 -0.36
C ALA C 132 -39.79 2.83 0.74
N ALA C 133 -39.11 2.02 1.55
CA ALA C 133 -38.30 2.56 2.65
C ALA C 133 -36.96 3.10 2.14
N VAL C 134 -36.35 2.37 1.22
CA VAL C 134 -35.18 2.86 0.47
C VAL C 134 -35.41 4.21 -0.22
N TYR C 135 -36.55 4.37 -0.88
CA TYR C 135 -36.85 5.60 -1.60
C TYR C 135 -37.67 6.62 -0.79
N GLY C 136 -37.83 6.39 0.51
CA GLY C 136 -38.45 7.37 1.39
C GLY C 136 -39.90 7.66 1.03
N LYS C 137 -40.52 6.70 0.36
CA LYS C 137 -41.93 6.82 -0.03
C LYS C 137 -42.84 6.43 1.13
N VAL C 138 -43.26 7.43 1.90
CA VAL C 138 -44.09 7.22 3.09
C VAL C 138 -45.47 6.66 2.83
N LYS C 139 -46.27 7.35 2.03
CA LYS C 139 -47.63 6.91 1.78
C LYS C 139 -47.65 5.46 1.30
N ALA C 140 -46.75 5.13 0.38
CA ALA C 140 -46.62 3.76 -0.12
C ALA C 140 -46.29 2.79 1.00
N LEU C 141 -45.40 3.21 1.89
CA LEU C 141 -45.04 2.39 3.03
C LEU C 141 -46.28 2.07 3.87
N LYS C 142 -47.02 3.11 4.28
CA LYS C 142 -48.22 2.91 5.06
C LYS C 142 -49.26 2.07 4.33
N PHE C 143 -49.38 2.27 3.03
CA PHE C 143 -50.32 1.49 2.24
C PHE C 143 -49.96 0.01 2.28
N LEU C 144 -48.70 -0.28 1.95
CA LEU C 144 -48.19 -1.65 1.96
C LEU C 144 -48.27 -2.33 3.34
N TYR C 145 -48.07 -1.55 4.39
CA TYR C 145 -48.16 -2.10 5.73
C TYR C 145 -49.59 -2.59 5.93
N LYS C 146 -50.54 -1.69 5.75
CA LYS C 146 -51.97 -1.97 5.98
C LYS C 146 -52.58 -2.99 5.01
N ARG C 147 -51.76 -3.50 4.09
CA ARG C 147 -52.15 -4.53 3.14
C ARG C 147 -51.36 -5.80 3.40
N GLY C 148 -50.69 -5.84 4.54
CA GLY C 148 -50.05 -7.06 5.00
C GLY C 148 -48.58 -7.23 4.71
N ALA C 149 -47.89 -6.14 4.39
CA ALA C 149 -46.46 -6.23 4.14
C ALA C 149 -45.73 -6.73 5.37
N ASN C 150 -44.90 -7.75 5.20
CA ASN C 150 -44.06 -8.25 6.27
C ASN C 150 -42.90 -7.29 6.57
N VAL C 151 -43.03 -6.49 7.63
CA VAL C 151 -42.09 -5.43 7.95
C VAL C 151 -40.65 -5.89 8.25
N ASN C 152 -40.52 -7.05 8.87
CA ASN C 152 -39.18 -7.48 9.28
C ASN C 152 -38.48 -8.51 8.41
N LEU C 153 -38.98 -8.69 7.18
CA LEU C 153 -38.34 -9.60 6.23
C LEU C 153 -36.88 -9.24 6.01
N ARG C 154 -36.04 -10.28 5.88
CA ARG C 154 -34.62 -10.11 5.67
C ARG C 154 -34.29 -10.61 4.27
N ARG C 155 -33.65 -9.74 3.48
CA ARG C 155 -33.46 -10.02 2.06
C ARG C 155 -32.81 -11.37 1.79
N LYS C 156 -33.63 -12.26 1.23
CA LYS C 156 -33.19 -13.54 0.70
C LYS C 156 -32.83 -13.33 -0.77
N THR C 157 -31.64 -13.76 -1.14
CA THR C 157 -31.07 -13.41 -2.44
C THR C 157 -30.40 -14.64 -3.03
N LYS C 158 -30.93 -15.80 -2.67
CA LYS C 158 -30.33 -17.10 -3.03
C LYS C 158 -28.99 -17.29 -2.33
N GLY C 167 -26.36 -10.64 1.54
CA GLY C 167 -27.62 -9.96 1.80
C GLY C 167 -28.10 -10.02 3.25
N GLY C 168 -29.40 -10.23 3.44
CA GLY C 168 -30.01 -10.34 4.76
C GLY C 168 -30.49 -9.02 5.36
N ALA C 169 -30.34 -7.93 4.61
CA ALA C 169 -30.78 -6.61 5.08
C ALA C 169 -32.32 -6.50 5.25
N THR C 170 -32.76 -5.50 6.01
CA THR C 170 -34.18 -5.29 6.27
C THR C 170 -34.57 -3.86 5.97
N ALA C 171 -35.85 -3.62 5.73
CA ALA C 171 -36.29 -2.30 5.36
C ALA C 171 -35.82 -1.25 6.36
N LEU C 172 -35.80 -1.58 7.64
CA LEU C 172 -35.36 -0.61 8.63
C LEU C 172 -33.95 -0.15 8.33
N MET C 173 -33.06 -1.11 8.06
CA MET C 173 -31.67 -0.82 7.73
C MET C 173 -31.54 0.13 6.55
N ASP C 174 -32.27 -0.19 5.47
CA ASP C 174 -32.31 0.62 4.26
C ASP C 174 -32.66 2.06 4.57
N ALA C 175 -33.71 2.27 5.34
CA ALA C 175 -34.12 3.62 5.70
C ALA C 175 -33.02 4.33 6.50
N ALA C 176 -32.22 3.55 7.21
CA ALA C 176 -31.18 4.11 8.07
C ALA C 176 -29.98 4.56 7.24
N GLU C 177 -29.61 3.75 6.25
CA GLU C 177 -28.51 4.07 5.34
C GLU C 177 -28.78 5.27 4.41
N LYS C 178 -30.03 5.43 3.98
CA LYS C 178 -30.41 6.58 3.13
C LYS C 178 -30.86 7.80 3.95
N GLY C 179 -30.89 7.67 5.27
CA GLY C 179 -31.19 8.79 6.16
C GLY C 179 -32.58 9.38 6.09
N HIS C 180 -33.59 8.52 5.99
CA HIS C 180 -34.98 8.97 5.99
C HIS C 180 -35.56 8.95 7.38
N VAL C 181 -35.53 10.10 8.04
CA VAL C 181 -35.93 10.17 9.44
C VAL C 181 -37.42 9.88 9.62
N GLU C 182 -38.24 10.50 8.77
CA GLU C 182 -39.68 10.29 8.81
C GLU C 182 -40.02 8.81 8.73
N VAL C 183 -39.44 8.12 7.76
CA VAL C 183 -39.66 6.69 7.58
C VAL C 183 -39.17 5.86 8.77
N LEU C 184 -37.99 6.16 9.30
CA LEU C 184 -37.46 5.41 10.44
C LEU C 184 -38.38 5.50 11.66
N LYS C 185 -38.81 6.71 12.01
CA LYS C 185 -39.80 6.88 13.07
C LYS C 185 -41.00 5.96 12.87
N ILE C 186 -41.57 5.98 11.66
CA ILE C 186 -42.77 5.17 11.36
C ILE C 186 -42.52 3.67 11.52
N LEU C 187 -41.41 3.17 10.99
CA LEU C 187 -41.08 1.75 11.11
C LEU C 187 -40.91 1.30 12.57
N LEU C 188 -40.28 2.15 13.38
CA LEU C 188 -39.98 1.78 14.76
C LEU C 188 -41.19 1.94 15.68
N ASP C 189 -41.92 3.04 15.51
CA ASP C 189 -43.08 3.34 16.37
C ASP C 189 -44.40 2.72 15.90
N GLU C 190 -44.70 2.85 14.62
CA GLU C 190 -46.03 2.50 14.12
C GLU C 190 -46.14 1.08 13.52
N MET C 191 -45.04 0.56 12.97
CA MET C 191 -45.11 -0.69 12.20
C MET C 191 -44.35 -1.87 12.81
N GLY C 192 -43.88 -1.70 14.04
CA GLY C 192 -43.20 -2.77 14.74
C GLY C 192 -41.92 -3.30 14.09
N ALA C 193 -41.09 -2.40 13.58
CA ALA C 193 -39.82 -2.84 13.02
C ALA C 193 -38.90 -3.26 14.16
N ASP C 194 -38.11 -4.30 13.94
CA ASP C 194 -37.21 -4.83 14.96
C ASP C 194 -35.83 -4.17 14.91
N VAL C 195 -35.65 -3.15 15.75
CA VAL C 195 -34.45 -2.32 15.73
C VAL C 195 -33.13 -3.08 15.68
N ASN C 196 -33.08 -4.26 16.29
CA ASN C 196 -31.81 -5.00 16.39
C ASN C 196 -31.62 -6.19 15.45
N ALA C 197 -32.36 -6.23 14.36
CA ALA C 197 -32.12 -7.24 13.35
C ALA C 197 -30.74 -7.04 12.73
N CYS C 198 -30.13 -8.13 12.27
CA CYS C 198 -28.80 -8.09 11.70
C CYS C 198 -28.77 -8.77 10.33
N ASP C 199 -28.05 -8.18 9.38
CA ASP C 199 -27.82 -8.83 8.10
C ASP C 199 -26.82 -9.98 8.22
N ASN C 200 -26.43 -10.55 7.10
CA ASN C 200 -25.55 -11.71 7.12
C ASN C 200 -24.09 -11.38 7.43
N MET C 201 -23.77 -10.08 7.50
CA MET C 201 -22.45 -9.66 7.99
C MET C 201 -22.56 -9.15 9.43
N GLY C 202 -23.70 -9.40 10.05
CA GLY C 202 -23.93 -9.05 11.44
C GLY C 202 -24.04 -7.56 11.72
N ARG C 203 -24.35 -6.78 10.69
CA ARG C 203 -24.53 -5.35 10.86
C ARG C 203 -25.99 -5.07 11.13
N ASN C 204 -26.28 -4.11 12.00
CA ASN C 204 -27.66 -3.73 12.30
C ASN C 204 -28.01 -2.33 11.77
N ALA C 205 -29.24 -1.90 11.98
CA ALA C 205 -29.66 -0.58 11.52
C ALA C 205 -28.69 0.53 11.94
N LEU C 206 -28.06 0.40 13.10
CA LEU C 206 -27.17 1.44 13.61
C LEU C 206 -25.89 1.46 12.79
N ILE C 207 -25.29 0.28 12.62
CA ILE C 207 -24.09 0.17 11.81
C ILE C 207 -24.28 0.70 10.39
N HIS C 208 -25.42 0.39 9.78
CA HIS C 208 -25.70 0.83 8.42
C HIS C 208 -25.81 2.33 8.34
N ALA C 209 -26.38 2.95 9.37
CA ALA C 209 -26.56 4.39 9.36
C ALA C 209 -25.21 5.09 9.33
N LEU C 210 -24.26 4.52 10.07
CA LEU C 210 -22.90 5.07 10.19
C LEU C 210 -21.99 4.72 9.00
N LEU C 211 -22.33 3.67 8.26
CA LEU C 211 -21.55 3.31 7.09
C LEU C 211 -21.94 4.14 5.85
N SER C 212 -23.14 4.71 5.85
CA SER C 212 -23.65 5.37 4.64
C SER C 212 -22.83 6.57 4.19
N SER C 213 -23.07 7.00 2.97
CA SER C 213 -22.39 8.15 2.42
C SER C 213 -22.94 9.45 3.01
N ASP C 214 -24.16 9.38 3.56
CA ASP C 214 -24.88 10.58 4.01
C ASP C 214 -24.71 11.00 5.48
N ASP C 215 -23.69 11.80 5.76
CA ASP C 215 -23.51 12.42 7.07
C ASP C 215 -24.60 13.46 7.28
N SER C 216 -25.61 13.45 6.42
CA SER C 216 -26.64 14.47 6.42
C SER C 216 -27.52 14.39 7.66
N ASP C 217 -28.21 13.26 7.80
CA ASP C 217 -29.14 13.09 8.90
C ASP C 217 -28.66 11.98 9.86
N VAL C 218 -27.40 11.59 9.73
CA VAL C 218 -26.83 10.52 10.54
C VAL C 218 -26.98 10.73 12.04
N GLU C 219 -26.97 11.98 12.48
CA GLU C 219 -27.14 12.25 13.88
C GLU C 219 -28.54 11.86 14.35
N ALA C 220 -29.55 12.27 13.59
CA ALA C 220 -30.94 11.93 13.95
C ALA C 220 -31.17 10.42 13.91
N ILE C 221 -30.76 9.79 12.82
CA ILE C 221 -30.86 8.34 12.68
C ILE C 221 -30.21 7.61 13.86
N THR C 222 -29.04 8.07 14.29
CA THR C 222 -28.31 7.44 15.38
C THR C 222 -29.00 7.62 16.73
N HIS C 223 -29.45 8.84 17.00
CA HIS C 223 -30.23 9.13 18.20
C HIS C 223 -31.49 8.27 18.20
N LEU C 224 -32.30 8.40 17.14
CA LEU C 224 -33.52 7.61 17.00
C LEU C 224 -33.29 6.14 17.34
N LEU C 225 -32.37 5.51 16.63
CA LEU C 225 -32.07 4.10 16.83
C LEU C 225 -31.67 3.76 18.25
N LEU C 226 -30.91 4.65 18.89
CA LEU C 226 -30.44 4.38 20.24
C LEU C 226 -31.58 4.46 21.25
N ASP C 227 -32.50 5.39 21.05
CA ASP C 227 -33.67 5.49 21.92
C ASP C 227 -34.52 4.21 21.86
N HIS C 228 -34.66 3.67 20.66
CA HIS C 228 -35.48 2.48 20.44
C HIS C 228 -34.69 1.22 20.77
N GLY C 229 -33.62 1.41 21.53
CA GLY C 229 -32.88 0.32 22.11
C GLY C 229 -31.91 -0.42 21.19
N ALA C 230 -31.28 0.32 20.28
CA ALA C 230 -30.32 -0.32 19.39
C ALA C 230 -29.07 -0.75 20.16
N ASP C 231 -28.51 -1.89 19.77
CA ASP C 231 -27.34 -2.46 20.42
C ASP C 231 -26.05 -1.74 20.01
N VAL C 232 -25.52 -0.90 20.89
CA VAL C 232 -24.30 -0.14 20.57
C VAL C 232 -23.04 -1.00 20.44
N ASN C 233 -23.17 -2.30 20.66
CA ASN C 233 -21.99 -3.17 20.70
C ASN C 233 -22.04 -4.31 19.71
N VAL C 234 -22.21 -3.98 18.43
CA VAL C 234 -22.25 -5.01 17.40
C VAL C 234 -20.95 -5.04 16.60
N ARG C 235 -20.50 -6.25 16.23
CA ARG C 235 -19.32 -6.39 15.38
C ARG C 235 -19.72 -6.31 13.91
N GLY C 236 -19.19 -5.30 13.22
CA GLY C 236 -19.47 -5.09 11.80
C GLY C 236 -18.57 -5.89 10.88
N GLU C 237 -18.18 -5.26 9.77
CA GLU C 237 -17.44 -5.92 8.72
C GLU C 237 -16.07 -6.39 9.19
N ARG C 238 -15.40 -5.56 9.97
CA ARG C 238 -14.07 -5.88 10.44
C ARG C 238 -13.90 -5.50 11.90
N GLY C 239 -14.71 -6.10 12.76
CA GLY C 239 -14.70 -5.80 14.18
C GLY C 239 -15.21 -4.40 14.45
N LYS C 240 -15.38 -3.62 13.37
CA LYS C 240 -15.79 -2.22 13.46
C LYS C 240 -17.09 -2.02 14.25
N THR C 241 -16.97 -1.51 15.47
CA THR C 241 -18.14 -1.20 16.28
C THR C 241 -18.70 0.16 15.88
N PRO C 242 -19.89 0.50 16.38
CA PRO C 242 -20.43 1.86 16.17
C PRO C 242 -19.52 2.93 16.74
N LEU C 243 -18.86 2.67 17.86
CA LEU C 243 -17.96 3.67 18.42
C LEU C 243 -16.80 3.93 17.46
N ILE C 244 -16.18 2.86 16.97
CA ILE C 244 -15.04 2.97 16.06
C ILE C 244 -15.40 3.68 14.75
N LEU C 245 -16.61 3.44 14.25
CA LEU C 245 -17.06 4.13 13.06
C LEU C 245 -17.28 5.60 13.38
N ALA C 246 -17.83 5.89 14.55
CA ALA C 246 -18.07 7.27 14.95
C ALA C 246 -16.74 8.03 14.99
N VAL C 247 -15.69 7.33 15.39
CA VAL C 247 -14.37 7.92 15.49
C VAL C 247 -13.72 8.05 14.11
N GLU C 248 -13.81 7.00 13.30
CA GLU C 248 -13.22 7.04 11.95
C GLU C 248 -13.90 8.10 11.10
N LYS C 249 -15.19 8.32 11.35
CA LYS C 249 -15.92 9.40 10.72
C LYS C 249 -15.44 10.76 11.22
N LYS C 250 -14.66 10.76 12.29
CA LYS C 250 -14.15 12.00 12.89
C LYS C 250 -15.29 12.90 13.35
N HIS C 251 -16.39 12.29 13.77
CA HIS C 251 -17.57 13.05 14.18
C HIS C 251 -17.63 13.14 15.69
N LEU C 252 -17.63 14.36 16.21
CA LEU C 252 -17.64 14.54 17.65
C LEU C 252 -19.01 14.26 18.24
N GLY C 253 -20.06 14.66 17.50
CA GLY C 253 -21.43 14.49 17.94
C GLY C 253 -21.83 13.03 18.10
N LEU C 254 -21.46 12.21 17.12
CA LEU C 254 -21.76 10.78 17.17
C LEU C 254 -21.04 10.10 18.34
N VAL C 255 -19.76 10.42 18.52
CA VAL C 255 -19.01 9.86 19.63
C VAL C 255 -19.63 10.32 20.95
N GLN C 256 -20.08 11.57 20.97
CA GLN C 256 -20.67 12.16 22.16
C GLN C 256 -21.96 11.45 22.52
N ARG C 257 -22.85 11.29 21.55
CA ARG C 257 -24.13 10.60 21.75
C ARG C 257 -23.94 9.10 22.00
N LEU C 258 -23.01 8.48 21.29
CA LEU C 258 -22.73 7.05 21.47
C LEU C 258 -22.21 6.74 22.87
N LEU C 259 -21.54 7.71 23.48
CA LEU C 259 -20.92 7.51 24.79
C LEU C 259 -21.86 7.69 25.98
N GLU C 260 -23.01 8.32 25.72
CA GLU C 260 -24.05 8.44 26.74
C GLU C 260 -24.80 7.11 26.91
N GLN C 261 -24.43 6.12 26.11
CA GLN C 261 -24.95 4.77 26.28
C GLN C 261 -24.23 4.12 27.46
N GLU C 262 -24.98 3.81 28.50
CA GLU C 262 -24.41 3.39 29.79
C GLU C 262 -23.56 2.12 29.73
N HIS C 263 -23.84 1.22 28.78
CA HIS C 263 -23.13 -0.06 28.73
C HIS C 263 -22.42 -0.32 27.41
N ILE C 264 -21.72 0.70 26.90
CA ILE C 264 -20.94 0.56 25.68
C ILE C 264 -19.52 0.09 26.00
N GLU C 265 -19.08 -0.98 25.33
CA GLU C 265 -17.73 -1.52 25.54
C GLU C 265 -16.65 -0.60 24.96
N ILE C 266 -16.36 0.48 25.68
CA ILE C 266 -15.44 1.51 25.24
C ILE C 266 -14.18 0.90 24.64
N ASN C 267 -13.66 -0.12 25.30
CA ASN C 267 -12.37 -0.70 24.92
C ASN C 267 -12.46 -1.88 23.96
N ASP C 268 -13.61 -2.04 23.33
CA ASP C 268 -13.74 -3.08 22.31
C ASP C 268 -12.70 -2.81 21.20
N THR C 269 -12.21 -3.88 20.60
CA THR C 269 -11.15 -3.76 19.60
C THR C 269 -11.61 -4.20 18.23
N ASP C 270 -11.19 -3.47 17.21
CA ASP C 270 -11.55 -3.80 15.84
C ASP C 270 -10.82 -5.04 15.32
N SER C 271 -10.84 -5.22 14.00
CA SER C 271 -10.21 -6.35 13.35
C SER C 271 -8.69 -6.32 13.55
N ASP C 272 -8.13 -5.12 13.48
CA ASP C 272 -6.68 -4.92 13.56
C ASP C 272 -6.15 -4.81 15.00
N GLY C 273 -7.04 -4.90 15.98
CA GLY C 273 -6.64 -4.79 17.38
C GLY C 273 -6.71 -3.36 17.88
N LYS C 274 -6.81 -2.41 16.94
CA LYS C 274 -6.97 -1.01 17.26
C LYS C 274 -8.24 -0.83 18.10
N THR C 275 -8.33 0.26 18.85
CA THR C 275 -9.53 0.55 19.62
C THR C 275 -10.05 1.95 19.30
N ALA C 276 -11.16 2.33 19.94
CA ALA C 276 -11.74 3.64 19.69
C ALA C 276 -10.74 4.74 20.04
N LEU C 277 -10.02 4.56 21.13
CA LEU C 277 -9.00 5.53 21.54
C LEU C 277 -7.74 5.53 20.67
N LEU C 278 -7.23 4.35 20.33
CA LEU C 278 -6.05 4.24 19.46
C LEU C 278 -6.28 4.93 18.11
N LEU C 279 -7.42 4.65 17.49
CA LEU C 279 -7.75 5.27 16.21
C LEU C 279 -8.01 6.77 16.36
N ALA C 280 -8.58 7.18 17.48
CA ALA C 280 -8.77 8.60 17.76
C ALA C 280 -7.41 9.31 17.72
N VAL C 281 -6.39 8.66 18.26
CA VAL C 281 -5.04 9.24 18.32
C VAL C 281 -4.26 9.11 17.01
N GLU C 282 -4.38 7.98 16.32
CA GLU C 282 -3.75 7.85 15.01
C GLU C 282 -4.26 8.94 14.09
N LEU C 283 -5.55 9.27 14.21
CA LEU C 283 -6.18 10.27 13.36
C LEU C 283 -6.07 11.69 13.91
N LYS C 284 -5.32 11.87 15.00
CA LYS C 284 -5.10 13.19 15.57
C LYS C 284 -6.39 13.93 16.00
N LEU C 285 -7.39 13.18 16.47
CA LEU C 285 -8.63 13.79 16.93
C LEU C 285 -8.45 14.22 18.37
N LYS C 286 -8.16 15.51 18.59
CA LYS C 286 -7.81 15.98 19.93
C LYS C 286 -8.99 15.90 20.89
N LYS C 287 -10.15 16.39 20.46
CA LYS C 287 -11.33 16.39 21.31
C LYS C 287 -11.94 15.00 21.53
N ILE C 288 -11.95 14.19 20.47
CA ILE C 288 -12.45 12.81 20.57
C ILE C 288 -11.59 11.94 21.48
N ALA C 289 -10.27 12.07 21.38
CA ALA C 289 -9.37 11.32 22.23
C ALA C 289 -9.50 11.75 23.70
N GLU C 290 -9.63 13.06 23.91
CA GLU C 290 -9.78 13.62 25.25
C GLU C 290 -11.10 13.17 25.85
N LEU C 291 -12.15 13.18 25.03
CA LEU C 291 -13.48 12.76 25.49
C LEU C 291 -13.51 11.26 25.81
N LEU C 292 -12.82 10.46 25.00
CA LEU C 292 -12.73 9.02 25.22
C LEU C 292 -11.96 8.69 26.49
N CYS C 293 -10.92 9.48 26.77
CA CYS C 293 -10.06 9.20 27.91
C CYS C 293 -10.78 9.40 29.22
N LYS C 294 -11.84 10.20 29.20
CA LYS C 294 -12.66 10.34 30.40
C LYS C 294 -13.48 9.05 30.65
N ARG C 295 -13.00 7.95 30.07
CA ARG C 295 -13.43 6.58 30.41
C ARG C 295 -12.48 5.48 29.88
N GLY C 296 -11.85 5.70 28.73
CA GLY C 296 -11.10 4.67 28.03
C GLY C 296 -9.81 4.17 28.69
N ALA C 297 -9.48 2.91 28.41
CA ALA C 297 -8.26 2.30 28.94
C ALA C 297 -7.05 2.59 28.06
N SER C 298 -6.07 3.26 28.66
CA SER C 298 -4.82 3.59 27.97
C SER C 298 -3.73 2.55 28.23
N THR C 299 -4.08 1.49 28.96
CA THR C 299 -3.14 0.41 29.22
C THR C 299 -3.19 -0.66 28.13
N ASP C 303 0.64 1.61 23.09
CA ASP C 303 1.51 2.41 22.23
C ASP C 303 0.83 3.72 21.82
N LEU C 304 -0.11 4.17 22.66
CA LEU C 304 -0.81 5.44 22.44
C LEU C 304 0.15 6.61 22.32
N VAL C 305 0.86 6.89 23.41
CA VAL C 305 1.79 8.01 23.47
C VAL C 305 2.83 7.95 22.34
N MET C 306 3.31 6.76 22.02
CA MET C 306 4.27 6.63 20.94
C MET C 306 3.64 6.99 19.58
N THR C 307 2.33 6.82 19.46
CA THR C 307 1.61 7.19 18.23
C THR C 307 1.45 8.68 18.15
N ALA C 308 1.16 9.30 19.28
CA ALA C 308 1.01 10.75 19.33
C ALA C 308 2.36 11.41 19.07
N ARG C 309 3.42 10.75 19.52
CA ARG C 309 4.77 11.24 19.27
C ARG C 309 5.12 11.15 17.77
N ARG C 310 4.84 10.01 17.14
CA ARG C 310 5.04 9.87 15.70
C ARG C 310 4.24 10.92 14.94
N ASN C 311 3.16 11.40 15.55
CA ASN C 311 2.27 12.40 14.95
C ASN C 311 2.77 13.81 15.16
N TYR C 312 3.77 13.96 16.03
CA TYR C 312 4.30 15.27 16.43
C TYR C 312 3.25 16.09 17.18
N ASP C 313 2.36 15.41 17.88
CA ASP C 313 1.20 16.02 18.53
C ASP C 313 1.44 16.11 20.03
N HIS C 314 2.07 17.20 20.49
CA HIS C 314 2.44 17.29 21.91
C HIS C 314 1.31 17.78 22.82
N SER C 315 0.30 18.40 22.23
CA SER C 315 -0.90 18.72 22.97
C SER C 315 -1.56 17.40 23.40
N LEU C 316 -1.53 16.43 22.48
CA LEU C 316 -2.15 15.12 22.69
C LEU C 316 -1.29 14.17 23.53
N VAL C 317 0.03 14.33 23.46
CA VAL C 317 0.92 13.50 24.27
C VAL C 317 0.69 13.82 25.72
N LYS C 318 0.41 15.09 25.99
CA LYS C 318 0.12 15.57 27.33
C LYS C 318 -1.21 15.03 27.87
N VAL C 319 -2.22 15.02 27.02
CA VAL C 319 -3.53 14.49 27.41
C VAL C 319 -3.42 13.01 27.79
N LEU C 320 -2.81 12.21 26.91
CA LEU C 320 -2.66 10.78 27.14
C LEU C 320 -1.99 10.44 28.48
N LEU C 321 -0.92 11.15 28.82
CA LEU C 321 -0.16 10.86 30.02
C LEU C 321 -0.92 11.17 31.30
N SER C 322 -1.73 12.23 31.26
CA SER C 322 -2.58 12.60 32.39
C SER C 322 -3.60 11.52 32.69
N HIS C 323 -3.79 10.60 31.75
CA HIS C 323 -4.68 9.47 31.96
C HIS C 323 -3.88 8.16 32.04
N GLY C 324 -2.60 8.31 32.37
CA GLY C 324 -1.73 7.17 32.65
C GLY C 324 -1.52 6.23 31.49
N ALA C 325 -0.65 6.63 30.55
CA ALA C 325 -0.30 5.78 29.42
C ALA C 325 1.12 5.26 29.58
N ALA D 21 24.19 -2.54 30.51
CA ALA D 21 23.74 -1.68 31.60
C ALA D 21 23.77 -0.21 31.19
N ALA D 22 24.81 0.15 30.44
CA ALA D 22 24.97 1.53 29.98
C ALA D 22 23.91 1.91 28.95
N VAL D 23 23.66 1.02 27.99
CA VAL D 23 22.64 1.29 26.98
C VAL D 23 21.31 1.59 27.66
N GLU D 24 21.09 1.00 28.82
CA GLU D 24 19.88 1.30 29.59
C GLU D 24 19.91 2.74 30.09
N ASP D 25 21.06 3.16 30.63
CA ASP D 25 21.22 4.53 31.10
C ASP D 25 20.95 5.52 29.98
N ASN D 26 21.43 5.17 28.78
CA ASN D 26 21.22 5.97 27.60
C ASN D 26 19.73 6.14 27.32
N HIS D 27 19.04 5.03 27.09
CA HIS D 27 17.59 5.05 26.89
C HIS D 27 16.88 5.82 28.01
N LEU D 28 17.48 5.81 29.19
CA LEU D 28 16.86 6.48 30.31
C LEU D 28 17.01 7.98 30.14
N LEU D 29 18.18 8.38 29.63
CA LEU D 29 18.46 9.79 29.34
C LEU D 29 17.44 10.34 28.35
N ILE D 30 17.21 9.60 27.28
CA ILE D 30 16.14 9.96 26.36
C ILE D 30 14.80 10.09 27.10
N LYS D 31 14.38 9.02 27.79
CA LYS D 31 13.11 9.04 28.52
C LYS D 31 13.05 10.19 29.52
N ALA D 32 14.18 10.48 30.17
CA ALA D 32 14.25 11.57 31.12
C ALA D 32 13.94 12.89 30.42
N VAL D 33 14.50 13.06 29.22
CA VAL D 33 14.24 14.26 28.45
C VAL D 33 12.76 14.32 28.08
N GLN D 34 12.24 13.22 27.57
CA GLN D 34 10.82 13.15 27.19
C GLN D 34 9.91 13.53 28.36
N ASN D 35 10.28 13.12 29.57
CA ASN D 35 9.47 13.43 30.74
C ASN D 35 9.73 14.83 31.29
N GLU D 36 10.66 15.55 30.66
CA GLU D 36 11.00 16.90 31.08
C GLU D 36 11.56 16.92 32.52
N ASP D 37 12.28 15.85 32.86
CA ASP D 37 12.93 15.71 34.16
C ASP D 37 14.32 16.31 34.13
N VAL D 38 14.42 17.63 34.26
CA VAL D 38 15.71 18.29 34.12
C VAL D 38 16.78 17.70 35.04
N ASP D 39 16.44 17.54 36.30
CA ASP D 39 17.37 17.02 37.29
C ASP D 39 17.89 15.64 36.92
N LEU D 40 17.02 14.81 36.35
CA LEU D 40 17.39 13.44 36.00
C LEU D 40 18.30 13.43 34.79
N VAL D 41 18.05 14.37 33.88
CA VAL D 41 18.88 14.51 32.70
C VAL D 41 20.28 14.94 33.12
N GLN D 42 20.34 15.87 34.07
CA GLN D 42 21.62 16.35 34.60
C GLN D 42 22.39 15.22 35.30
N GLN D 43 21.70 14.39 36.07
CA GLN D 43 22.36 13.29 36.77
C GLN D 43 22.92 12.29 35.79
N LEU D 44 22.11 11.96 34.78
CA LEU D 44 22.47 10.92 33.84
C LEU D 44 23.66 11.36 32.98
N LEU D 45 23.70 12.65 32.66
CA LEU D 45 24.76 13.21 31.83
C LEU D 45 26.04 13.31 32.64
N GLU D 46 25.93 13.91 33.82
CA GLU D 46 27.03 13.98 34.77
C GLU D 46 27.54 12.57 35.07
N GLY D 47 26.62 11.61 35.04
CA GLY D 47 26.94 10.20 35.28
C GLY D 47 27.74 9.55 34.16
N GLY D 48 27.71 10.15 32.98
CA GLY D 48 28.48 9.65 31.86
C GLY D 48 27.69 9.03 30.72
N ALA D 49 26.38 9.23 30.73
CA ALA D 49 25.54 8.73 29.64
C ALA D 49 25.92 9.41 28.31
N ASN D 50 25.87 8.64 27.24
CA ASN D 50 26.16 9.15 25.91
C ASN D 50 25.15 10.22 25.47
N VAL D 51 25.59 11.47 25.40
CA VAL D 51 24.71 12.58 25.08
C VAL D 51 24.25 12.55 23.61
N ASN D 52 24.99 11.83 22.78
CA ASN D 52 24.64 11.68 21.36
C ASN D 52 24.19 10.26 21.00
N PHE D 53 23.49 9.62 21.95
CA PHE D 53 22.93 8.30 21.73
C PHE D 53 21.75 8.39 20.79
N GLN D 54 21.68 7.46 19.86
CA GLN D 54 20.57 7.41 18.93
C GLN D 54 19.85 6.08 19.10
N GLU D 55 18.56 6.16 19.44
CA GLU D 55 17.75 4.96 19.54
C GLU D 55 17.60 4.27 18.18
N GLU D 56 17.38 2.96 18.19
CA GLU D 56 17.46 2.13 16.99
C GLU D 56 16.24 2.22 16.07
N GLU D 57 15.14 2.72 16.61
CA GLU D 57 13.91 2.87 15.84
C GLU D 57 14.12 3.85 14.69
N GLY D 58 14.24 5.14 15.02
CA GLY D 58 14.33 6.19 14.02
C GLY D 58 15.51 7.11 14.14
N GLY D 59 16.53 6.69 14.90
CA GLY D 59 17.76 7.45 15.02
C GLY D 59 17.64 8.70 15.88
N TRP D 60 16.65 8.75 16.76
CA TRP D 60 16.45 9.91 17.63
C TRP D 60 17.50 10.03 18.73
N THR D 61 17.88 11.28 19.02
CA THR D 61 18.81 11.57 20.08
C THR D 61 18.09 12.33 21.18
N PRO D 62 18.72 12.48 22.34
CA PRO D 62 18.18 13.37 23.36
C PRO D 62 17.94 14.77 22.79
N LEU D 63 18.90 15.29 22.02
CA LEU D 63 18.77 16.65 21.49
C LEU D 63 17.53 16.79 20.60
N HIS D 64 17.29 15.80 19.74
CA HIS D 64 16.09 15.79 18.89
C HIS D 64 14.83 15.92 19.76
N ASN D 65 14.66 14.98 20.68
CA ASN D 65 13.54 15.00 21.60
C ASN D 65 13.38 16.35 22.33
N ALA D 66 14.49 16.91 22.79
CA ALA D 66 14.44 18.22 23.43
C ALA D 66 13.90 19.30 22.47
N VAL D 67 14.35 19.27 21.22
CA VAL D 67 13.90 20.27 20.26
C VAL D 67 12.42 20.04 19.96
N GLN D 68 12.05 18.79 19.69
CA GLN D 68 10.67 18.46 19.38
C GLN D 68 9.72 19.07 20.42
N MET D 69 10.18 19.13 21.66
CA MET D 69 9.36 19.61 22.76
C MET D 69 9.48 21.13 23.02
N SER D 70 10.33 21.81 22.25
CA SER D 70 10.53 23.25 22.44
C SER D 70 11.03 23.60 23.83
N ARG D 71 11.80 22.69 24.42
CA ARG D 71 12.47 22.98 25.67
C ARG D 71 13.85 23.52 25.39
N GLU D 72 13.97 24.85 25.38
CA GLU D 72 15.24 25.51 25.11
C GLU D 72 16.25 25.16 26.20
N ASP D 73 15.78 25.17 27.44
CA ASP D 73 16.62 24.92 28.61
C ASP D 73 17.29 23.54 28.57
N ILE D 74 16.54 22.53 28.13
CA ILE D 74 17.06 21.17 28.04
C ILE D 74 17.99 21.02 26.85
N VAL D 75 17.72 21.79 25.79
CA VAL D 75 18.59 21.84 24.63
C VAL D 75 19.94 22.38 25.06
N GLU D 76 19.93 23.49 25.79
CA GLU D 76 21.16 24.12 26.27
C GLU D 76 22.01 23.17 27.09
N LEU D 77 21.34 22.52 28.05
CA LEU D 77 21.99 21.57 28.94
C LEU D 77 22.70 20.49 28.16
N LEU D 78 21.99 19.92 27.19
CA LEU D 78 22.52 18.86 26.33
C LEU D 78 23.70 19.37 25.49
N LEU D 79 23.58 20.60 24.99
CA LEU D 79 24.61 21.18 24.16
C LEU D 79 25.88 21.38 24.96
N ARG D 80 25.72 21.86 26.20
CA ARG D 80 26.87 22.04 27.08
C ARG D 80 27.54 20.70 27.45
N HIS D 81 26.77 19.61 27.48
CA HIS D 81 27.39 18.31 27.73
C HIS D 81 27.92 17.69 26.44
N GLY D 82 27.98 18.50 25.39
CA GLY D 82 28.63 18.11 24.16
C GLY D 82 27.76 17.44 23.12
N ALA D 83 26.50 17.82 23.07
CA ALA D 83 25.59 17.24 22.09
C ALA D 83 25.84 17.86 20.71
N ASP D 84 25.97 17.01 19.69
CA ASP D 84 26.15 17.45 18.30
C ASP D 84 24.88 18.12 17.77
N PRO D 85 24.98 19.41 17.41
CA PRO D 85 23.83 20.27 17.05
C PRO D 85 23.37 20.08 15.61
N VAL D 86 24.07 19.24 14.85
CA VAL D 86 23.70 19.03 13.45
C VAL D 86 23.57 17.54 13.13
N LEU D 87 23.64 16.70 14.16
CA LEU D 87 23.45 15.27 14.01
C LEU D 87 22.02 14.97 13.54
N ARG D 88 21.92 14.25 12.43
CA ARG D 88 20.63 13.94 11.85
C ARG D 88 20.08 12.60 12.34
N LYS D 89 18.75 12.48 12.40
CA LYS D 89 18.12 11.19 12.67
C LYS D 89 17.96 10.38 11.38
N LYS D 90 17.25 9.25 11.43
CA LYS D 90 17.20 8.35 10.30
C LYS D 90 16.57 8.98 9.07
N ASN D 91 15.54 9.82 9.24
CA ASN D 91 14.88 10.47 8.08
C ASN D 91 15.76 11.57 7.49
N GLY D 92 16.86 11.86 8.17
CA GLY D 92 17.80 12.84 7.67
C GLY D 92 17.61 14.22 8.27
N ALA D 93 16.47 14.43 8.91
CA ALA D 93 16.16 15.73 9.51
C ALA D 93 17.15 16.13 10.60
N THR D 94 17.54 17.41 10.61
CA THR D 94 18.44 17.93 11.63
C THR D 94 17.65 18.60 12.76
N PRO D 95 18.30 18.85 13.90
CA PRO D 95 17.62 19.62 14.95
C PRO D 95 17.06 20.96 14.43
N PHE D 96 17.80 21.63 13.56
CA PHE D 96 17.33 22.90 13.00
C PHE D 96 15.95 22.74 12.36
N ILE D 97 15.80 21.71 11.55
CA ILE D 97 14.54 21.40 10.90
C ILE D 97 13.43 21.14 11.93
N LEU D 98 13.71 20.26 12.89
CA LEU D 98 12.77 19.92 13.96
C LEU D 98 12.25 21.13 14.70
N ALA D 99 13.09 22.16 14.79
CA ALA D 99 12.71 23.38 15.48
C ALA D 99 11.66 24.16 14.70
N ALA D 100 11.62 23.94 13.38
CA ALA D 100 10.63 24.58 12.51
C ALA D 100 9.26 23.95 12.75
N ILE D 101 9.24 22.62 12.80
CA ILE D 101 8.05 21.86 13.12
C ILE D 101 7.50 22.31 14.47
N ALA D 102 8.42 22.64 15.36
CA ALA D 102 8.05 23.12 16.68
C ALA D 102 7.72 24.61 16.69
N GLY D 103 8.13 25.30 15.62
CA GLY D 103 7.82 26.72 15.48
C GLY D 103 8.58 27.61 16.42
N SER D 104 9.73 27.13 16.91
CA SER D 104 10.58 27.90 17.83
C SER D 104 11.60 28.77 17.10
N VAL D 105 11.36 30.07 17.06
CA VAL D 105 12.33 30.98 16.47
C VAL D 105 13.66 30.93 17.23
N LYS D 106 13.61 30.93 18.57
CA LYS D 106 14.84 30.89 19.37
C LYS D 106 15.73 29.72 18.97
N LEU D 107 15.15 28.54 18.77
CA LEU D 107 15.91 27.35 18.42
C LEU D 107 16.43 27.37 16.99
N LEU D 108 15.69 28.01 16.07
CA LEU D 108 16.16 28.13 14.70
C LEU D 108 17.36 29.08 14.66
N LYS D 109 17.23 30.18 15.39
CA LYS D 109 18.29 31.18 15.52
C LYS D 109 19.53 30.52 16.06
N LEU D 110 19.34 29.62 17.01
CA LEU D 110 20.42 28.91 17.70
C LEU D 110 21.16 27.94 16.79
N PHE D 111 20.40 27.11 16.07
CA PHE D 111 21.02 26.10 15.24
C PHE D 111 21.63 26.68 13.96
N LEU D 112 21.19 27.88 13.59
CA LEU D 112 21.87 28.62 12.55
C LEU D 112 23.24 29.06 13.07
N SER D 113 23.26 29.64 14.26
CA SER D 113 24.53 30.01 14.90
C SER D 113 25.50 28.85 15.09
N LYS D 114 25.01 27.61 15.02
CA LYS D 114 25.89 26.47 15.28
C LYS D 114 26.21 25.66 14.03
N GLY D 115 25.80 26.18 12.86
CA GLY D 115 26.23 25.61 11.59
C GLY D 115 25.18 25.03 10.64
N ALA D 116 23.91 25.28 10.92
CA ALA D 116 22.86 24.78 10.05
C ALA D 116 22.70 25.71 8.88
N ASP D 117 22.36 25.15 7.72
CA ASP D 117 22.03 25.91 6.52
C ASP D 117 20.53 26.12 6.42
N VAL D 118 20.10 27.35 6.15
CA VAL D 118 18.66 27.67 6.13
C VAL D 118 17.89 26.84 5.07
N ASN D 119 18.60 26.35 4.05
CA ASN D 119 17.93 25.53 3.05
C ASN D 119 18.38 24.07 3.05
N GLU D 120 18.95 23.61 4.16
CA GLU D 120 19.23 22.18 4.31
C GLU D 120 17.91 21.43 4.45
N CYS D 121 17.92 20.16 4.08
CA CYS D 121 16.70 19.36 4.02
C CYS D 121 16.92 17.89 4.43
N ASP D 122 15.89 17.24 4.95
CA ASP D 122 16.02 15.82 5.26
C ASP D 122 16.06 14.99 3.98
N PHE D 123 16.14 13.67 4.11
CA PHE D 123 16.30 12.81 2.94
C PHE D 123 15.04 12.68 2.07
N TYR D 124 13.98 13.40 2.42
CA TYR D 124 12.80 13.44 1.56
C TYR D 124 12.55 14.81 0.93
N GLY D 125 13.53 15.70 1.09
CA GLY D 125 13.52 17.00 0.42
C GLY D 125 12.88 18.08 1.26
N PHE D 126 12.55 17.73 2.49
CA PHE D 126 11.86 18.63 3.41
C PHE D 126 12.79 19.65 4.06
N THR D 127 12.51 20.93 3.86
CA THR D 127 13.30 21.99 4.47
C THR D 127 12.56 22.58 5.67
N ALA D 128 13.29 23.32 6.50
CA ALA D 128 12.69 24.02 7.63
C ALA D 128 11.51 24.86 7.17
N PHE D 129 11.70 25.60 6.08
CA PHE D 129 10.64 26.45 5.56
C PHE D 129 9.41 25.61 5.21
N MET D 130 9.62 24.46 4.60
CA MET D 130 8.50 23.59 4.27
C MET D 130 7.80 23.12 5.55
N GLU D 131 8.57 22.64 6.52
CA GLU D 131 7.98 22.14 7.76
C GLU D 131 7.15 23.22 8.44
N ALA D 132 7.66 24.46 8.44
CA ALA D 132 6.95 25.55 9.07
C ALA D 132 5.58 25.78 8.44
N ALA D 133 5.48 25.55 7.13
CA ALA D 133 4.23 25.77 6.40
C ALA D 133 3.25 24.62 6.60
N VAL D 134 3.78 23.39 6.56
CA VAL D 134 3.03 22.21 6.96
C VAL D 134 2.42 22.33 8.37
N TYR D 135 3.20 22.78 9.34
CA TYR D 135 2.72 22.88 10.72
C TYR D 135 2.12 24.25 11.09
N GLY D 136 1.91 25.09 10.09
CA GLY D 136 1.22 26.35 10.29
C GLY D 136 1.95 27.30 11.22
N LYS D 137 3.27 27.10 11.33
CA LYS D 137 4.10 27.92 12.21
C LYS D 137 4.49 29.22 11.52
N VAL D 138 3.71 30.27 11.76
CA VAL D 138 3.89 31.56 11.08
C VAL D 138 5.19 32.28 11.42
N LYS D 139 5.41 32.56 12.70
CA LYS D 139 6.60 33.30 13.10
C LYS D 139 7.86 32.62 12.57
N ALA D 140 7.94 31.30 12.68
CA ALA D 140 9.05 30.55 12.14
C ALA D 140 9.16 30.76 10.62
N LEU D 141 8.03 30.78 9.95
CA LEU D 141 8.03 30.98 8.50
C LEU D 141 8.66 32.34 8.18
N LYS D 142 8.17 33.40 8.81
CA LYS D 142 8.70 34.73 8.56
C LYS D 142 10.17 34.83 8.93
N PHE D 143 10.57 34.17 10.01
CA PHE D 143 11.97 34.18 10.42
C PHE D 143 12.84 33.53 9.34
N LEU D 144 12.49 32.31 8.94
CA LEU D 144 13.23 31.59 7.91
C LEU D 144 13.27 32.34 6.57
N TYR D 145 12.19 33.04 6.24
CA TYR D 145 12.16 33.79 5.00
C TYR D 145 13.25 34.85 5.07
N LYS D 146 13.15 35.71 6.08
CA LYS D 146 14.09 36.81 6.27
C LYS D 146 15.55 36.39 6.54
N ARG D 147 15.79 35.08 6.59
CA ARG D 147 17.13 34.49 6.77
C ARG D 147 17.53 33.72 5.52
N GLY D 148 16.77 33.91 4.44
CA GLY D 148 17.16 33.43 3.13
C GLY D 148 16.58 32.11 2.68
N ALA D 149 15.51 31.69 3.33
CA ALA D 149 14.84 30.46 2.94
C ALA D 149 14.36 30.56 1.48
N ASN D 150 14.71 29.57 0.68
CA ASN D 150 14.20 29.50 -0.68
C ASN D 150 12.73 29.05 -0.70
N VAL D 151 11.83 30.01 -0.91
CA VAL D 151 10.39 29.77 -0.82
C VAL D 151 9.82 28.78 -1.85
N ASN D 152 10.38 28.76 -3.04
CA ASN D 152 9.81 27.92 -4.09
C ASN D 152 10.51 26.59 -4.37
N LEU D 153 11.37 26.15 -3.46
CA LEU D 153 12.03 24.85 -3.57
C LEU D 153 11.02 23.73 -3.75
N ARG D 154 11.36 22.77 -4.62
CA ARG D 154 10.52 21.60 -4.86
C ARG D 154 11.19 20.35 -4.32
N ARG D 155 10.49 19.63 -3.46
CA ARG D 155 11.10 18.53 -2.72
C ARG D 155 11.82 17.52 -3.60
N LYS D 156 13.15 17.47 -3.47
CA LYS D 156 13.94 16.49 -4.21
C LYS D 156 14.42 15.37 -3.29
N THR D 157 13.82 14.19 -3.41
CA THR D 157 14.29 13.00 -2.71
C THR D 157 15.65 12.58 -3.25
N GLY D 167 7.75 12.83 -6.00
CA GLY D 167 7.93 13.93 -5.05
C GLY D 167 7.66 15.29 -5.69
N GLY D 168 8.43 16.31 -5.33
CA GLY D 168 8.41 17.58 -6.03
C GLY D 168 7.48 18.65 -5.49
N ALA D 169 6.84 18.36 -4.35
CA ALA D 169 5.96 19.33 -3.70
C ALA D 169 6.68 20.60 -3.19
N THR D 170 5.91 21.66 -2.96
CA THR D 170 6.47 22.92 -2.47
C THR D 170 5.71 23.40 -1.24
N ALA D 171 6.35 24.27 -0.47
CA ALA D 171 5.76 24.74 0.77
C ALA D 171 4.36 25.28 0.56
N LEU D 172 4.13 25.97 -0.55
CA LEU D 172 2.79 26.50 -0.81
C LEU D 172 1.77 25.37 -0.84
N MET D 173 2.08 24.29 -1.57
CA MET D 173 1.20 23.13 -1.67
C MET D 173 0.85 22.56 -0.28
N ASP D 174 1.88 22.36 0.54
CA ASP D 174 1.74 21.85 1.90
C ASP D 174 0.75 22.66 2.72
N ALA D 175 0.93 23.97 2.73
CA ALA D 175 0.00 24.85 3.42
C ALA D 175 -1.43 24.73 2.88
N ALA D 176 -1.56 24.40 1.60
CA ALA D 176 -2.88 24.27 0.97
C ALA D 176 -3.59 22.99 1.39
N GLU D 177 -2.83 21.89 1.44
CA GLU D 177 -3.35 20.59 1.87
C GLU D 177 -3.76 20.53 3.37
N LYS D 178 -3.02 21.24 4.22
CA LYS D 178 -3.34 21.29 5.65
C LYS D 178 -4.32 22.43 6.00
N GLY D 179 -4.67 23.23 5.00
CA GLY D 179 -5.65 24.32 5.17
C GLY D 179 -5.26 25.45 6.11
N HIS D 180 -4.02 25.91 6.02
CA HIS D 180 -3.59 27.05 6.81
C HIS D 180 -3.75 28.34 6.03
N VAL D 181 -4.86 29.03 6.26
CA VAL D 181 -5.19 30.21 5.49
C VAL D 181 -4.20 31.34 5.72
N GLU D 182 -3.90 31.59 7.00
CA GLU D 182 -2.95 32.63 7.37
C GLU D 182 -1.62 32.46 6.64
N VAL D 183 -1.09 31.24 6.68
CA VAL D 183 0.17 30.93 6.00
C VAL D 183 0.08 31.07 4.49
N LEU D 184 -1.00 30.59 3.88
CA LEU D 184 -1.16 30.72 2.43
C LEU D 184 -1.14 32.19 1.97
N LYS D 185 -1.94 33.04 2.62
CA LYS D 185 -1.89 34.48 2.34
C LYS D 185 -0.45 35.01 2.36
N ILE D 186 0.30 34.68 3.42
CA ILE D 186 1.67 35.17 3.56
C ILE D 186 2.59 34.69 2.44
N LEU D 187 2.54 33.40 2.10
CA LEU D 187 3.37 32.86 1.02
C LEU D 187 3.09 33.53 -0.32
N LEU D 188 1.81 33.78 -0.61
CA LEU D 188 1.39 34.32 -1.90
C LEU D 188 1.64 35.83 -2.01
N ASP D 189 1.28 36.56 -0.96
CA ASP D 189 1.40 38.02 -0.96
C ASP D 189 2.78 38.54 -0.52
N GLU D 190 3.31 38.01 0.58
CA GLU D 190 4.50 38.60 1.18
C GLU D 190 5.83 37.95 0.78
N MET D 191 5.80 36.66 0.43
CA MET D 191 7.03 35.89 0.23
C MET D 191 7.27 35.40 -1.20
N GLY D 192 6.44 35.88 -2.13
CA GLY D 192 6.58 35.54 -3.54
C GLY D 192 6.50 34.05 -3.88
N ALA D 193 5.59 33.32 -3.25
CA ALA D 193 5.42 31.92 -3.61
C ALA D 193 4.80 31.87 -5.01
N ASP D 194 5.19 30.85 -5.77
CA ASP D 194 4.69 30.67 -7.14
C ASP D 194 3.43 29.79 -7.20
N VAL D 195 2.27 30.44 -7.23
CA VAL D 195 0.98 29.75 -7.12
C VAL D 195 0.80 28.54 -8.06
N ASN D 196 1.43 28.57 -9.23
CA ASN D 196 1.23 27.51 -10.20
C ASN D 196 2.34 26.47 -10.36
N ALA D 197 3.19 26.34 -9.35
CA ALA D 197 4.19 25.28 -9.35
C ALA D 197 3.48 23.93 -9.33
N CYS D 198 4.11 22.91 -9.91
CA CYS D 198 3.54 21.56 -9.96
C CYS D 198 4.52 20.51 -9.43
N ASP D 199 4.02 19.55 -8.66
CA ASP D 199 4.85 18.43 -8.23
C ASP D 199 5.09 17.47 -9.39
N ASN D 200 5.69 16.33 -9.11
CA ASN D 200 6.05 15.38 -10.16
C ASN D 200 4.87 14.57 -10.71
N MET D 201 3.70 14.70 -10.08
CA MET D 201 2.47 14.14 -10.64
C MET D 201 1.62 15.25 -11.29
N GLY D 202 2.23 16.42 -11.46
CA GLY D 202 1.59 17.53 -12.14
C GLY D 202 0.44 18.17 -11.37
N ARG D 203 0.41 17.96 -10.06
CA ARG D 203 -0.61 18.60 -9.22
C ARG D 203 -0.08 19.93 -8.68
N ASN D 204 -0.96 20.93 -8.61
CA ASN D 204 -0.56 22.23 -8.09
C ASN D 204 -1.22 22.52 -6.74
N ALA D 205 -0.92 23.69 -6.16
CA ALA D 205 -1.48 24.05 -4.87
C ALA D 205 -3.00 23.89 -4.83
N LEU D 206 -3.69 24.12 -5.95
CA LEU D 206 -5.15 24.02 -5.99
C LEU D 206 -5.59 22.58 -5.88
N ILE D 207 -4.99 21.72 -6.71
CA ILE D 207 -5.31 20.30 -6.65
C ILE D 207 -5.07 19.70 -5.25
N HIS D 208 -3.96 20.10 -4.62
CA HIS D 208 -3.64 19.57 -3.30
C HIS D 208 -4.67 19.99 -2.27
N ALA D 209 -5.17 21.20 -2.40
CA ALA D 209 -6.16 21.71 -1.44
C ALA D 209 -7.42 20.87 -1.48
N LEU D 210 -7.80 20.47 -2.70
CA LEU D 210 -9.03 19.68 -2.94
C LEU D 210 -8.86 18.19 -2.66
N LEU D 211 -7.61 17.73 -2.68
CA LEU D 211 -7.34 16.32 -2.36
C LEU D 211 -7.30 16.05 -0.86
N SER D 212 -7.03 17.09 -0.06
CA SER D 212 -6.80 16.90 1.38
C SER D 212 -8.00 16.32 2.13
N SER D 213 -7.74 15.86 3.34
CA SER D 213 -8.79 15.31 4.19
C SER D 213 -9.65 16.43 4.77
N ASP D 214 -9.12 17.64 4.80
CA ASP D 214 -9.77 18.76 5.48
C ASP D 214 -10.70 19.66 4.66
N ASP D 215 -11.98 19.27 4.57
CA ASP D 215 -13.00 20.13 3.97
C ASP D 215 -13.25 21.34 4.86
N SER D 216 -12.36 21.54 5.83
CA SER D 216 -12.54 22.59 6.84
C SER D 216 -12.44 23.98 6.26
N ASP D 217 -11.27 24.28 5.70
CA ASP D 217 -11.01 25.61 5.17
C ASP D 217 -10.79 25.56 3.66
N VAL D 218 -11.16 24.44 3.05
CA VAL D 218 -10.97 24.22 1.61
C VAL D 218 -11.59 25.33 0.74
N GLU D 219 -12.68 25.91 1.20
CA GLU D 219 -13.30 27.00 0.45
C GLU D 219 -12.39 28.22 0.40
N ALA D 220 -11.84 28.59 1.55
CA ALA D 220 -10.95 29.75 1.61
C ALA D 220 -9.70 29.51 0.79
N ILE D 221 -9.08 28.35 1.00
CA ILE D 221 -7.88 27.97 0.26
C ILE D 221 -8.10 28.03 -1.26
N THR D 222 -9.26 27.57 -1.70
CA THR D 222 -9.59 27.52 -3.12
C THR D 222 -9.83 28.93 -3.69
N HIS D 223 -10.58 29.74 -2.95
CA HIS D 223 -10.79 31.13 -3.34
C HIS D 223 -9.45 31.86 -3.41
N LEU D 224 -8.70 31.82 -2.31
CA LEU D 224 -7.39 32.44 -2.24
C LEU D 224 -6.55 32.10 -3.47
N LEU D 225 -6.34 30.80 -3.70
CA LEU D 225 -5.53 30.34 -4.82
C LEU D 225 -6.02 30.85 -6.17
N LEU D 226 -7.33 30.90 -6.34
CA LEU D 226 -7.87 31.32 -7.63
C LEU D 226 -7.67 32.81 -7.86
N ASP D 227 -7.76 33.62 -6.81
CA ASP D 227 -7.49 35.05 -6.93
C ASP D 227 -6.06 35.30 -7.36
N HIS D 228 -5.14 34.54 -6.79
CA HIS D 228 -3.72 34.67 -7.09
C HIS D 228 -3.35 33.97 -8.40
N GLY D 229 -4.37 33.71 -9.20
CA GLY D 229 -4.20 33.22 -10.57
C GLY D 229 -3.85 31.76 -10.72
N ALA D 230 -4.42 30.90 -9.87
CA ALA D 230 -4.16 29.47 -9.97
C ALA D 230 -4.83 28.90 -11.21
N ASP D 231 -4.15 27.94 -11.85
CA ASP D 231 -4.62 27.35 -13.10
C ASP D 231 -5.72 26.32 -12.84
N VAL D 232 -6.98 26.69 -13.14
CA VAL D 232 -8.12 25.79 -12.89
C VAL D 232 -8.15 24.55 -13.79
N ASN D 233 -7.20 24.45 -14.71
CA ASN D 233 -7.21 23.37 -15.69
C ASN D 233 -5.97 22.48 -15.68
N VAL D 234 -5.67 21.89 -14.53
CA VAL D 234 -4.51 21.03 -14.43
C VAL D 234 -4.92 19.57 -14.35
N ARG D 235 -4.14 18.71 -14.99
CA ARG D 235 -4.39 17.27 -14.93
C ARG D 235 -3.69 16.67 -13.72
N GLY D 236 -4.47 16.12 -12.80
CA GLY D 236 -3.96 15.50 -11.59
C GLY D 236 -3.55 14.05 -11.77
N GLU D 237 -3.83 13.25 -10.75
CA GLU D 237 -3.38 11.87 -10.68
C GLU D 237 -3.98 11.03 -11.80
N ARG D 238 -5.26 11.24 -12.08
CA ARG D 238 -5.94 10.46 -13.09
C ARG D 238 -6.84 11.34 -13.93
N GLY D 239 -6.23 12.32 -14.61
CA GLY D 239 -6.97 13.27 -15.42
C GLY D 239 -7.83 14.18 -14.55
N LYS D 240 -7.93 13.83 -13.27
CA LYS D 240 -8.78 14.55 -12.32
C LYS D 240 -8.48 16.05 -12.27
N THR D 241 -9.36 16.85 -12.87
CA THR D 241 -9.21 18.30 -12.80
C THR D 241 -9.76 18.81 -11.47
N PRO D 242 -9.52 20.10 -11.16
CA PRO D 242 -10.16 20.72 -9.99
C PRO D 242 -11.68 20.69 -10.06
N LEU D 243 -12.27 20.83 -11.24
CA LEU D 243 -13.73 20.76 -11.35
C LEU D 243 -14.23 19.37 -10.94
N ILE D 244 -13.60 18.33 -11.47
CA ILE D 244 -13.98 16.94 -11.19
C ILE D 244 -13.83 16.57 -9.71
N LEU D 245 -12.80 17.11 -9.07
CA LEU D 245 -12.63 16.90 -7.64
C LEU D 245 -13.71 17.63 -6.86
N ALA D 246 -14.03 18.84 -7.29
CA ALA D 246 -15.08 19.63 -6.65
C ALA D 246 -16.40 18.86 -6.69
N VAL D 247 -16.64 18.19 -7.81
CA VAL D 247 -17.86 17.39 -8.00
C VAL D 247 -17.82 16.09 -7.19
N GLU D 248 -16.71 15.37 -7.24
CA GLU D 248 -16.57 14.12 -6.50
C GLU D 248 -16.67 14.37 -5.00
N LYS D 249 -16.20 15.54 -4.57
CA LYS D 249 -16.36 15.98 -3.19
C LYS D 249 -17.82 16.29 -2.88
N LYS D 250 -18.65 16.38 -3.92
CA LYS D 250 -20.07 16.68 -3.75
C LYS D 250 -20.26 18.05 -3.11
N HIS D 251 -19.34 18.97 -3.40
CA HIS D 251 -19.36 20.29 -2.79
C HIS D 251 -19.96 21.31 -3.75
N LEU D 252 -21.06 21.93 -3.35
CA LEU D 252 -21.72 22.87 -4.25
C LEU D 252 -20.95 24.19 -4.31
N GLY D 253 -20.41 24.62 -3.16
CA GLY D 253 -19.65 25.86 -3.07
C GLY D 253 -18.40 25.88 -3.94
N LEU D 254 -17.63 24.79 -3.89
CA LEU D 254 -16.42 24.67 -4.71
C LEU D 254 -16.74 24.66 -6.20
N VAL D 255 -17.77 23.91 -6.60
CA VAL D 255 -18.18 23.89 -7.99
C VAL D 255 -18.66 25.29 -8.41
N GLN D 256 -19.33 25.97 -7.48
CA GLN D 256 -19.87 27.30 -7.73
C GLN D 256 -18.74 28.30 -7.96
N ARG D 257 -17.77 28.30 -7.05
CA ARG D 257 -16.61 29.19 -7.14
C ARG D 257 -15.69 28.83 -8.31
N LEU D 258 -15.49 27.53 -8.55
CA LEU D 258 -14.65 27.06 -9.66
C LEU D 258 -15.22 27.46 -11.02
N LEU D 259 -16.54 27.60 -11.10
CA LEU D 259 -17.21 27.89 -12.36
C LEU D 259 -17.24 29.38 -12.72
N GLU D 260 -16.98 30.23 -11.73
CA GLU D 260 -16.85 31.66 -11.99
C GLU D 260 -15.52 31.97 -12.66
N GLN D 261 -14.69 30.94 -12.84
CA GLN D 261 -13.46 31.08 -13.61
C GLN D 261 -13.81 31.11 -15.09
N GLU D 262 -13.53 32.24 -15.73
CA GLU D 262 -14.00 32.50 -17.09
C GLU D 262 -13.52 31.50 -18.16
N HIS D 263 -12.35 30.90 -17.95
CA HIS D 263 -11.78 30.00 -18.96
C HIS D 263 -11.51 28.59 -18.44
N ILE D 264 -12.47 28.03 -17.72
CA ILE D 264 -12.38 26.65 -17.24
C ILE D 264 -12.95 25.67 -18.28
N GLU D 265 -12.15 24.66 -18.64
CA GLU D 265 -12.58 23.65 -19.60
C GLU D 265 -13.65 22.73 -19.03
N ILE D 266 -14.88 23.23 -18.96
CA ILE D 266 -16.01 22.54 -18.35
C ILE D 266 -16.06 21.07 -18.76
N ASN D 267 -15.87 20.83 -20.05
CA ASN D 267 -16.01 19.49 -20.61
C ASN D 267 -14.72 18.65 -20.63
N ASP D 268 -13.72 19.08 -19.89
CA ASP D 268 -12.50 18.27 -19.76
C ASP D 268 -12.89 16.89 -19.21
N THR D 269 -12.15 15.88 -19.62
CA THR D 269 -12.47 14.51 -19.24
C THR D 269 -11.38 13.89 -18.37
N ASP D 270 -11.79 13.14 -17.35
CA ASP D 270 -10.84 12.47 -16.48
C ASP D 270 -10.15 11.28 -17.16
N SER D 271 -9.54 10.43 -16.34
CA SER D 271 -8.82 9.26 -16.82
C SER D 271 -9.77 8.27 -17.49
N ASP D 272 -10.95 8.11 -16.90
CA ASP D 272 -11.94 7.15 -17.38
C ASP D 272 -12.83 7.67 -18.51
N GLY D 273 -12.63 8.92 -18.92
CA GLY D 273 -13.44 9.52 -19.96
C GLY D 273 -14.66 10.24 -19.41
N LYS D 274 -14.95 9.99 -18.14
CA LYS D 274 -16.03 10.69 -17.43
C LYS D 274 -15.73 12.18 -17.43
N THR D 275 -16.77 12.99 -17.26
CA THR D 275 -16.58 14.43 -17.19
C THR D 275 -17.21 14.99 -15.92
N ALA D 276 -17.10 16.30 -15.71
CA ALA D 276 -17.66 16.93 -14.53
C ALA D 276 -19.17 16.68 -14.46
N LEU D 277 -19.84 16.78 -15.60
CA LEU D 277 -21.29 16.53 -15.66
C LEU D 277 -21.67 15.05 -15.52
N LEU D 278 -20.96 14.16 -16.19
CA LEU D 278 -21.23 12.72 -16.08
C LEU D 278 -21.14 12.23 -14.62
N LEU D 279 -20.06 12.62 -13.94
CA LEU D 279 -19.87 12.23 -12.56
C LEU D 279 -20.89 12.90 -11.65
N ALA D 280 -21.26 14.14 -11.96
CA ALA D 280 -22.32 14.82 -11.22
C ALA D 280 -23.61 13.99 -11.24
N VAL D 281 -23.91 13.38 -12.39
CA VAL D 281 -25.12 12.58 -12.57
C VAL D 281 -24.98 11.16 -12.01
N GLU D 282 -23.83 10.53 -12.19
CA GLU D 282 -23.60 9.22 -11.61
C GLU D 282 -23.81 9.29 -10.11
N LEU D 283 -23.36 10.40 -9.52
CA LEU D 283 -23.45 10.61 -8.07
C LEU D 283 -24.77 11.23 -7.62
N LYS D 284 -25.71 11.40 -8.55
CA LYS D 284 -27.04 11.95 -8.22
C LYS D 284 -27.00 13.35 -7.59
N LEU D 285 -26.05 14.18 -8.00
CA LEU D 285 -25.96 15.56 -7.51
C LEU D 285 -26.91 16.44 -8.30
N LYS D 286 -28.11 16.68 -7.76
CA LYS D 286 -29.13 17.38 -8.53
C LYS D 286 -28.77 18.83 -8.82
N LYS D 287 -28.31 19.55 -7.79
CA LYS D 287 -27.96 20.96 -7.95
C LYS D 287 -26.66 21.17 -8.73
N ILE D 288 -25.67 20.30 -8.52
CA ILE D 288 -24.40 20.39 -9.23
C ILE D 288 -24.56 20.08 -10.73
N ALA D 289 -25.36 19.06 -11.05
CA ALA D 289 -25.63 18.73 -12.43
C ALA D 289 -26.41 19.85 -13.13
N GLU D 290 -27.39 20.42 -12.43
CA GLU D 290 -28.20 21.51 -12.96
C GLU D 290 -27.33 22.75 -13.18
N LEU D 291 -26.44 23.02 -12.23
CA LEU D 291 -25.54 24.16 -12.31
C LEU D 291 -24.53 24.00 -13.45
N LEU D 292 -24.04 22.78 -13.64
CA LEU D 292 -23.10 22.47 -14.72
C LEU D 292 -23.75 22.62 -16.09
N CYS D 293 -25.02 22.23 -16.18
CA CYS D 293 -25.71 22.22 -17.45
C CYS D 293 -25.94 23.62 -17.99
N LYS D 294 -25.93 24.60 -17.09
CA LYS D 294 -26.00 25.98 -17.53
C LYS D 294 -24.68 26.42 -18.22
N ARG D 295 -23.91 25.41 -18.66
CA ARG D 295 -22.77 25.58 -19.58
C ARG D 295 -22.30 24.27 -20.24
N GLY D 296 -22.41 23.15 -19.52
CA GLY D 296 -21.81 21.89 -19.96
C GLY D 296 -22.40 21.21 -21.19
N ALA D 297 -21.55 20.46 -21.89
CA ALA D 297 -21.96 19.70 -23.07
C ALA D 297 -22.55 18.34 -22.73
N SER D 298 -23.82 18.16 -23.09
CA SER D 298 -24.52 16.90 -22.86
C SER D 298 -24.45 15.98 -24.09
N THR D 299 -23.73 16.42 -25.11
CA THR D 299 -23.55 15.60 -26.32
C THR D 299 -22.34 14.69 -26.18
N GLY D 302 -22.86 11.82 -23.27
CA GLY D 302 -23.97 11.30 -24.05
C GLY D 302 -24.89 10.39 -23.26
N ASP D 303 -24.34 9.33 -22.67
CA ASP D 303 -25.12 8.37 -21.90
C ASP D 303 -25.57 8.95 -20.56
N LEU D 304 -25.70 10.28 -20.51
CA LEU D 304 -26.16 10.99 -19.33
C LEU D 304 -27.52 10.52 -18.87
N VAL D 305 -28.52 10.75 -19.72
CA VAL D 305 -29.89 10.39 -19.42
C VAL D 305 -30.03 8.92 -19.03
N MET D 306 -29.28 8.05 -19.71
CA MET D 306 -29.33 6.63 -19.41
C MET D 306 -28.78 6.35 -18.02
N THR D 307 -27.87 7.20 -17.56
CA THR D 307 -27.29 7.06 -16.22
C THR D 307 -28.29 7.51 -15.16
N ALA D 308 -29.00 8.59 -15.46
CA ALA D 308 -30.01 9.12 -14.54
C ALA D 308 -31.15 8.12 -14.43
N ARG D 309 -31.44 7.46 -15.55
CA ARG D 309 -32.47 6.43 -15.58
C ARG D 309 -32.08 5.20 -14.74
N ARG D 310 -30.84 4.73 -14.89
CA ARG D 310 -30.33 3.64 -14.06
C ARG D 310 -30.39 4.03 -12.58
N ASN D 311 -30.35 5.33 -12.31
CA ASN D 311 -30.37 5.88 -10.95
C ASN D 311 -31.78 6.01 -10.42
N TYR D 312 -32.77 5.83 -11.31
CA TYR D 312 -34.17 6.04 -10.97
C TYR D 312 -34.46 7.50 -10.60
N ASP D 313 -33.69 8.42 -11.17
CA ASP D 313 -33.74 9.85 -10.83
C ASP D 313 -34.49 10.61 -11.91
N HIS D 314 -35.82 10.71 -11.79
CA HIS D 314 -36.60 11.34 -12.85
C HIS D 314 -36.66 12.86 -12.77
N SER D 315 -36.36 13.41 -11.60
CA SER D 315 -36.17 14.86 -11.48
C SER D 315 -34.97 15.24 -12.35
N LEU D 316 -33.93 14.40 -12.33
CA LEU D 316 -32.68 14.65 -13.07
C LEU D 316 -32.76 14.29 -14.56
N VAL D 317 -33.58 13.29 -14.90
CA VAL D 317 -33.76 12.93 -16.29
C VAL D 317 -34.41 14.09 -17.02
N LYS D 318 -35.30 14.79 -16.32
CA LYS D 318 -35.98 15.97 -16.85
C LYS D 318 -35.02 17.15 -17.06
N VAL D 319 -34.12 17.37 -16.10
CA VAL D 319 -33.15 18.44 -16.24
C VAL D 319 -32.24 18.21 -17.44
N LEU D 320 -31.67 17.02 -17.56
CA LEU D 320 -30.78 16.66 -18.66
C LEU D 320 -31.38 16.90 -20.05
N LEU D 321 -32.64 16.50 -20.22
CA LEU D 321 -33.30 16.61 -21.52
C LEU D 321 -33.54 18.06 -21.94
N SER D 322 -33.86 18.91 -20.96
CA SER D 322 -34.08 20.33 -21.22
C SER D 322 -32.80 20.99 -21.72
N HIS D 323 -31.67 20.31 -21.57
CA HIS D 323 -30.40 20.82 -22.08
C HIS D 323 -29.91 19.93 -23.22
N GLY D 324 -30.85 19.21 -23.84
CA GLY D 324 -30.60 18.44 -25.04
C GLY D 324 -29.61 17.32 -24.89
N ALA D 325 -30.05 16.21 -24.31
CA ALA D 325 -29.21 15.03 -24.18
C ALA D 325 -29.68 13.95 -25.15
O1P 25A E . 27.04 4.57 3.32
P 25A E . 28.24 4.54 2.41
O2P 25A E . 29.54 5.07 3.13
O3P 25A E . 28.45 3.09 1.89
O5' 25A E . 27.91 5.47 1.24
C5' 25A E . 27.68 6.80 1.42
C4' 25A E . 27.09 7.45 0.19
O4' 25A E . 27.90 7.53 -1.06
C1' 25A E . 26.97 7.14 -2.18
C2' 25A E . 25.65 7.60 -1.59
O2' 25A E . 25.23 8.93 -1.71
C3' 25A E . 25.70 7.02 -0.24
O3' 25A E . 24.63 7.20 0.61
N9 25A E . 27.79 6.10 -2.74
C8 25A E . 27.54 4.73 -2.67
N7 25A E . 28.72 4.01 -3.27
C5 25A E . 29.68 4.99 -3.68
C6 25A E . 30.96 4.87 -4.29
N6 25A E . 31.55 3.58 -4.59
C4 25A E . 29.13 6.30 -3.37
N3 25A E . 29.88 7.48 -3.67
C2 25A E . 31.20 7.35 -4.29
N1 25A E . 31.72 6.08 -4.60
P1 25A E . 24.31 9.24 -2.98
OBP 25A E . 23.67 7.89 -3.49
OCP 25A E . 23.34 10.33 -2.62
OF' 25A E . 25.18 9.74 -4.19
CF' 25A E . 26.23 10.66 -3.97
CE' 25A E . 27.09 10.83 -5.20
OE' 25A E . 28.28 9.92 -5.43
CB' 25A E . 28.19 9.51 -6.87
N19 25A E . 27.97 8.09 -6.64
C18 25A E . 26.83 7.54 -6.03
N17 25A E . 26.97 6.09 -6.03
C15 25A E . 28.28 5.76 -6.71
C14 25A E . 28.89 6.95 -7.07
N13 25A E . 30.20 6.95 -7.76
C12 25A E . 30.81 5.76 -8.03
N11 25A E . 30.21 4.58 -7.68
C16 25A E . 28.88 4.58 -6.98
N16 25A E . 28.25 3.34 -6.61
CC' 25A E . 27.36 10.63 -7.55
OC' 25A E . 28.01 11.69 -8.22
CD' 25A E . 26.37 11.02 -6.53
OD' 25A E . 25.68 12.21 -6.80
P2 25A E . 28.44 11.39 -9.68
OLP 25A E . 29.66 12.30 -9.99
OMP 25A E . 28.78 9.93 -9.83
OP' 25A E . 27.19 11.74 -10.61
CP' 25A E . 26.19 12.62 -10.12
CO' 25A E . 25.38 13.30 -11.24
OO' 25A E . 26.12 13.88 -12.33
CL' 25A E . 25.80 13.13 -13.58
N29 25A E . 26.80 12.79 -14.62
C28 25A E . 27.24 13.59 -15.64
N27 25A E . 28.19 12.86 -16.40
C25 25A E . 28.30 11.60 -15.84
C24 25A E . 27.44 11.55 -14.73
N23 25A E . 27.33 10.40 -13.95
C22 25A E . 28.13 9.24 -14.29
N21 25A E . 28.97 9.28 -15.39
C26 25A E . 29.07 10.46 -16.18
N26 25A E . 29.95 10.48 -17.31
CM' 25A E . 24.54 12.26 -13.29
OM' 25A E . 23.53 12.18 -14.26
CN' 25A E . 24.17 12.58 -11.86
ON' 25A E . 22.88 13.01 -11.53
O1P 25A F . -5.79 -12.41 -1.04
P 25A F . -6.12 -13.86 -0.85
O2P 25A F . -7.52 -14.20 -1.49
O3P 25A F . -4.98 -14.74 -1.44
O5' 25A F . -6.20 -14.11 0.65
C5' 25A F . -7.13 -13.45 1.43
C4' 25A F . -6.83 -13.59 2.92
O4' 25A F . -6.89 -14.94 3.55
C1' 25A F . -5.68 -15.04 4.44
C2' 25A F . -5.45 -13.58 4.78
O2' 25A F . -6.14 -12.99 5.85
C3' 25A F . -5.55 -12.95 3.44
O3' 25A F . -5.40 -11.59 3.34
N9 25A F . -5.19 -16.29 3.91
C8 25A F . -4.05 -16.44 3.12
N7 25A F . -3.99 -17.90 2.68
C5 25A F . -5.12 -18.57 3.21
C6 25A F . -5.56 -19.93 3.10
N6 25A F . -4.83 -20.90 2.31
C4 25A F . -5.90 -17.61 3.98
N3 25A F . -7.09 -18.02 4.63
C2 25A F . -7.54 -19.42 4.53
N1 25A F . -6.79 -20.34 3.77
P1 25A F . -5.41 -13.01 7.24
OBP 25A F . -3.86 -13.19 7.00
OCP 25A F . -5.80 -11.74 7.99
OF' 25A F . -5.85 -14.28 8.07
CF' 25A F . -7.21 -14.64 8.12
CE' 25A F . -7.42 -15.97 8.80
OE' 25A F . -7.33 -17.22 7.96
CB' 25A F . -6.47 -18.17 8.77
N19 25A F . -5.38 -18.27 7.80
C18 25A F . -4.54 -17.20 7.45
N17 25A F . -3.55 -17.73 6.52
C15 25A F . -3.81 -19.20 6.32
C14 25A F . -4.91 -19.55 7.09
N13 25A F . -5.42 -20.93 7.10
C12 25A F . -4.79 -21.89 6.35
N11 25A F . -3.70 -21.56 5.58
C16 25A F . -3.19 -20.17 5.57
N16 25A F . -2.05 -19.84 4.76
CC' 25A F . -6.58 -17.68 10.22
OC' 25A F . -7.50 -18.28 11.10
CD' 25A F . -6.68 -16.21 10.12
OD' 25A F . -7.09 -15.55 11.27
P2 25A F . -6.97 -19.57 11.81
OLP 25A F . -8.24 -20.42 12.15
OMP 25A F . -5.98 -20.29 10.91
OP' 25A F . -6.18 -19.13 13.11
CP' 25A F . -6.46 -17.88 13.67
CO' 25A F . -6.09 -17.78 15.17
OO' 25A F . -6.57 -18.84 16.02
CL' 25A F . -5.39 -19.57 16.55
N29 25A F . -5.35 -21.03 16.70
C28 25A F . -5.83 -21.76 17.76
N27 25A F . -5.53 -23.12 17.52
C25 25A F . -4.88 -23.21 16.32
C24 25A F . -4.76 -21.90 15.81
N23 25A F . -4.12 -21.66 14.58
C22 25A F . -3.59 -22.78 13.84
N21 25A F . -3.71 -24.08 14.33
C26 25A F . -4.36 -24.32 15.58
N26 25A F . -4.47 -25.66 16.07
CM' 25A F . -4.13 -18.71 16.26
OM' 25A F . -3.18 -18.58 17.28
CN' 25A F . -4.64 -17.47 15.57
ON' 25A F . -4.32 -16.20 16.08
O1P 25A G . -26.83 -6.00 -0.30
P 25A G . -28.23 -5.51 -0.59
O2P 25A G . -29.32 -6.54 -0.09
O3P 25A G . -28.45 -4.10 0.02
O5' 25A G . -28.36 -5.37 -2.11
C5' 25A G . -28.21 -6.46 -2.93
C4' 25A G . -28.05 -6.05 -4.38
O4' 25A G . -29.18 -5.38 -5.06
C1' 25A G . -28.57 -4.25 -5.84
C2' 25A G . -27.20 -4.80 -6.09
O2' 25A G . -26.96 -5.64 -7.20
C3' 25A G . -26.81 -5.27 -4.76
O3' 25A G . -25.58 -5.86 -4.58
N9 25A G . -29.43 -3.23 -5.32
C8 25A G . -29.04 -2.23 -4.43
N7 25A G . -30.27 -1.44 -4.02
C5 25A G . -31.39 -2.02 -4.68
C6 25A G . -32.78 -1.68 -4.66
N6 25A G . -33.26 -0.58 -3.87
C4 25A G . -30.91 -3.13 -5.49
N3 25A G . -31.83 -3.90 -6.27
C2 25A G . -33.25 -3.55 -6.25
N1 25A G . -33.71 -2.48 -5.46
P1 25A G . -26.49 -4.94 -8.53
OBP 25A G . -25.87 -3.54 -8.16
OCP 25A G . -25.54 -5.90 -9.23
OF' 25A G . -27.73 -4.62 -9.46
CF' 25A G . -28.74 -5.58 -9.62
CE' 25A G . -29.94 -5.03 -10.34
OE' 25A G . -31.01 -4.34 -9.55
CB' 25A G . -31.33 -3.09 -10.32
N19 25A G . -30.91 -2.14 -9.29
C18 25A G . -29.58 -1.99 -8.83
N17 25A G . -29.59 -0.93 -7.84
C15 25A G . -31.00 -0.40 -7.71
C14 25A G . -31.80 -1.12 -8.57
N13 25A G . -33.24 -0.83 -8.68
C12 25A G . -33.79 0.16 -7.92
N11 25A G . -32.99 0.88 -7.06
C16 25A G . -31.54 0.58 -6.96
N16 25A G . -30.72 1.34 -6.05
CC' 25A G . -30.87 -3.37 -11.77
OC' 25A G . -31.79 -3.77 -12.75
CD' 25A G . -29.66 -4.22 -11.61
OD' 25A G . -29.23 -4.86 -12.75
P2 25A G . -32.56 -2.62 -13.45
OLP 25A G . -33.91 -3.24 -13.92
OMP 25A G . -32.76 -1.45 -12.53
OP' 25A G . -31.70 -2.13 -14.69
CP' 25A G . -30.68 -2.96 -15.20
CO' 25A G . -30.30 -2.62 -16.66
OO' 25A G . -31.39 -2.43 -17.58
CL' 25A G . -31.34 -1.01 -18.04
N29 25A G . -32.54 -0.19 -18.25
C28 25A G . -33.32 -0.16 -19.38
N27 25A G . -34.35 0.79 -19.16
C25 25A G . -34.17 1.32 -17.92
C24 25A G . -33.05 0.71 -17.34
N23 25A G . -32.62 1.05 -16.07
C22 25A G . -33.35 2.06 -15.31
N21 25A G . -34.48 2.66 -15.85
C26 25A G . -34.91 2.31 -17.17
N26 25A G . -36.06 2.94 -17.74
CM' 25A G . -29.98 -0.40 -17.61
OM' 25A G . -29.30 0.39 -18.55
CN' 25A G . -29.25 -1.53 -16.92
ON' 25A G . -27.97 -1.91 -17.34
O1P 25A H . 5.23 13.20 -1.00
P 25A H . 5.77 14.22 -0.03
O2P 25A H . 6.93 15.05 -0.67
O3P 25A H . 4.62 15.15 0.48
O5' 25A H . 6.29 13.44 1.19
C5' 25A H . 7.31 12.53 1.06
C4' 25A H . 7.42 11.60 2.25
O4' 25A H . 7.80 12.18 3.55
C1' 25A H . 6.89 11.54 4.57
C2' 25A H . 6.62 10.21 3.90
O2' 25A H . 7.52 9.15 4.06
C3' 25A H . 6.28 10.63 2.54
O3' 25A H . 5.95 9.66 1.61
N9 25A H . 6.41 12.78 5.13
C8 25A H . 5.14 13.30 4.98
N7 25A H . 5.10 14.66 5.64
C5 25A H . 6.39 14.92 6.16
C6 25A H . 6.92 16.04 6.88
N6 25A H . 6.08 17.19 7.17
C4 25A H . 7.24 13.78 5.86
N3 25A H . 8.62 13.78 6.28
C2 25A H . 9.14 14.93 7.00
N1 25A H . 8.32 16.03 7.28
P1 25A H . 7.20 8.16 5.25
OBP 25A H . 5.68 8.33 5.63
OCP 25A H . 7.59 6.76 4.82
OF' 25A H . 8.01 8.58 6.53
CF' 25A H . 9.36 8.99 6.44
CE' 25A H . 9.88 9.55 7.74
OE' 25A H . 9.69 11.02 8.00
CB' 25A H . 9.21 11.11 9.42
N19 25A H . 7.90 11.69 9.12
C18 25A H . 6.88 11.04 8.41
N17 25A H . 5.73 11.93 8.39
C15 25A H . 6.08 13.19 9.14
C14 25A H . 7.38 13.06 9.58
N13 25A H . 8.02 14.15 10.36
C12 25A H . 7.32 15.28 10.65
N11 25A H . 6.02 15.40 10.20
C16 25A H . 5.37 14.31 9.41
N16 25A H . 4.03 14.45 8.95
CC' 25A H . 9.68 9.79 10.08
OC' 25A H . 10.85 9.73 10.85
CD' 25A H . 9.56 8.78 9.02
OD' 25A H . 10.18 7.57 9.27
P2 25A H . 10.68 10.19 12.31
OLP 25A H . 12.06 10.77 12.77
OMP 25A H . 9.56 11.19 12.41
OP' 25A H . 10.23 8.92 13.16
CP' 25A H . 10.51 7.63 12.64
CO' 25A H . 10.58 6.54 13.74
OO' 25A H . 11.39 6.82 14.92
CL' 25A H . 10.48 6.87 16.10
N29 25A H . 10.62 7.85 17.18
C28 25A H . 11.44 7.75 18.27
N27 25A H . 11.22 8.90 19.07
C25 25A H . 10.29 9.69 18.46
C24 25A H . 9.91 9.05 17.28
N23 25A H . 8.95 9.62 16.45
C22 25A H . 8.36 10.90 16.80
N21 25A H . 8.75 11.56 17.96
C26 25A H . 9.72 10.96 18.81
N26 25A H . 10.08 11.64 20.03
CM' 25A H . 9.09 6.29 15.67
OM' 25A H . 8.43 5.45 16.55
CN' 25A H . 9.27 5.88 14.23
ON' 25A H . 8.98 4.58 13.84
#